data_4JUQ
#
_entry.id   4JUQ
#
_cell.length_a   80.593
_cell.length_b   105.599
_cell.length_c   133.917
_cell.angle_alpha   90.000
_cell.angle_beta   90.000
_cell.angle_gamma   90.000
#
_symmetry.space_group_name_H-M   'P 21 21 21'
#
loop_
_entity.id
_entity.type
_entity.pdbx_description
1 polymer 'Methionine aminopeptidase'
2 non-polymer 'MANGANESE (II) ION'
3 water water
#
_entity_poly.entity_id   1
_entity_poly.type   'polypeptide(L)'
_entity_poly.pdbx_seq_one_letter_code
;MNVTIKTPDDIEKMRIAGRLAAEVLEMIGEHIKPGVTTEELDRICHDYIVNEQKAIPAPLNYKGFPKSICTSINHVVCHG
IPNEKPLKEGDILNVDITVIKDGYHGDTSKMFLVGKTPEWADRLCQITQECMYKGISVVRPGAHLGDIGEIIQKHAEKNG
FSVVREYCGHGIGKVFHEEPQVLHYGRAGTGIELKEGMIFTIEPMINQGRPETRLLGDGWTAITKDRKLSAQWEHTVLVT
ADGYEILTLRNDETFPRTSAAEFELVDKLAAALEHHHHHH
;
_entity_poly.pdbx_strand_id   A,B,C,D
#
loop_
_chem_comp.id
_chem_comp.type
_chem_comp.name
_chem_comp.formula
MN non-polymer 'MANGANESE (II) ION' 'Mn 2'
#
# COMPACT_ATOMS: atom_id res chain seq x y z
N ASN A 2 34.23 6.50 0.50
CA ASN A 2 33.34 7.44 -0.24
C ASN A 2 33.51 7.43 -1.78
N VAL A 3 32.35 7.40 -2.45
CA VAL A 3 32.17 7.54 -3.90
C VAL A 3 31.64 8.93 -4.16
N THR A 4 32.25 9.68 -5.08
CA THR A 4 31.79 11.05 -5.35
C THR A 4 30.57 11.12 -6.33
N ILE A 5 29.75 12.17 -6.12
CA ILE A 5 28.59 12.50 -6.97
C ILE A 5 28.89 13.78 -7.74
N LYS A 6 29.00 13.70 -9.06
CA LYS A 6 29.28 14.89 -9.86
C LYS A 6 28.07 15.85 -9.91
N THR A 7 28.41 17.16 -9.91
CA THR A 7 27.54 18.31 -10.08
C THR A 7 27.29 18.56 -11.58
N PRO A 8 26.20 19.28 -11.91
CA PRO A 8 25.89 19.36 -13.31
C PRO A 8 26.98 20.07 -14.09
N ASP A 9 27.76 20.95 -13.45
CA ASP A 9 28.85 21.58 -14.20
C ASP A 9 30.01 20.56 -14.43
N ASP A 10 30.33 19.76 -13.40
CA ASP A 10 31.25 18.65 -13.51
C ASP A 10 30.85 17.73 -14.68
N ILE A 11 29.58 17.34 -14.69
CA ILE A 11 29.10 16.44 -15.69
C ILE A 11 29.31 17.04 -17.08
N GLU A 12 29.08 18.34 -17.22
CA GLU A 12 29.24 18.95 -18.52
C GLU A 12 30.72 18.86 -18.98
N LYS A 13 31.65 18.99 -18.06
CA LYS A 13 33.07 18.87 -18.40
C LYS A 13 33.50 17.43 -18.65
N MET A 14 32.81 16.47 -17.99
CA MET A 14 33.07 15.07 -18.22
C MET A 14 32.62 14.64 -19.60
N ARG A 15 31.54 15.22 -20.11
CA ARG A 15 31.17 14.99 -21.49
C ARG A 15 32.18 15.52 -22.47
N ILE A 16 32.81 16.66 -22.17
CA ILE A 16 33.75 17.25 -23.11
C ILE A 16 34.95 16.29 -23.22
N ALA A 17 35.51 15.93 -22.06
CA ALA A 17 36.59 14.92 -21.94
C ALA A 17 36.23 13.56 -22.53
N GLY A 18 35.03 13.04 -22.26
CA GLY A 18 34.62 11.76 -22.91
C GLY A 18 34.61 11.82 -24.45
N ARG A 19 34.14 12.94 -24.96
CA ARG A 19 33.98 13.10 -26.41
C ARG A 19 35.40 13.17 -27.04
N LEU A 20 36.32 13.88 -26.38
CA LEU A 20 37.67 13.98 -26.89
C LEU A 20 38.37 12.63 -26.84
N ALA A 21 38.19 11.87 -25.74
CA ALA A 21 38.76 10.51 -25.66
C ALA A 21 38.25 9.66 -26.82
N ALA A 22 36.93 9.69 -27.07
CA ALA A 22 36.28 9.02 -28.18
C ALA A 22 36.89 9.43 -29.53
N GLU A 23 37.15 10.70 -29.67
CA GLU A 23 37.71 11.21 -30.89
C GLU A 23 39.11 10.72 -31.16
N VAL A 24 39.91 10.51 -30.11
CA VAL A 24 41.23 9.95 -30.35
C VAL A 24 41.09 8.59 -31.05
N LEU A 25 40.14 7.80 -30.60
CA LEU A 25 39.90 6.46 -31.16
C LEU A 25 39.33 6.50 -32.59
N GLU A 26 38.42 7.42 -32.85
CA GLU A 26 37.94 7.68 -34.23
C GLU A 26 39.09 8.12 -35.14
N MET A 27 40.01 8.93 -34.63
CA MET A 27 41.11 9.40 -35.42
C MET A 27 42.15 8.27 -35.70
N ILE A 28 42.43 7.42 -34.72
CA ILE A 28 43.55 6.52 -34.79
C ILE A 28 43.28 5.38 -35.78
N GLY A 29 42.00 5.05 -36.01
CA GLY A 29 41.58 3.90 -36.82
C GLY A 29 42.27 3.75 -38.16
N GLU A 30 42.40 4.86 -38.83
CA GLU A 30 42.95 4.89 -40.17
C GLU A 30 44.46 4.67 -40.24
N HIS A 31 45.17 4.73 -39.10
CA HIS A 31 46.63 4.43 -39.04
C HIS A 31 46.92 2.99 -38.62
N ILE A 32 45.88 2.20 -38.42
CA ILE A 32 46.06 0.85 -37.88
C ILE A 32 46.07 -0.17 -39.00
N LYS A 33 47.27 -0.67 -39.30
CA LYS A 33 47.49 -1.62 -40.33
C LYS A 33 48.84 -2.31 -40.12
N PRO A 34 49.04 -3.44 -40.79
CA PRO A 34 50.24 -4.24 -40.67
C PRO A 34 51.45 -3.39 -40.87
N GLY A 35 52.45 -3.55 -40.01
CA GLY A 35 53.70 -2.77 -40.18
C GLY A 35 53.75 -1.44 -39.42
N VAL A 36 52.61 -0.87 -39.03
CA VAL A 36 52.68 0.33 -38.14
C VAL A 36 53.07 -0.17 -36.75
N THR A 37 53.95 0.55 -36.10
CA THR A 37 54.40 0.13 -34.76
C THR A 37 53.47 0.70 -33.65
N THR A 38 53.39 0.05 -32.49
CA THR A 38 52.60 0.62 -31.41
C THR A 38 53.15 1.98 -30.92
N GLU A 39 54.45 2.18 -30.92
CA GLU A 39 54.98 3.52 -30.52
C GLU A 39 54.69 4.60 -31.55
N GLU A 40 54.58 4.26 -32.83
CA GLU A 40 54.09 5.24 -33.82
C GLU A 40 52.65 5.59 -33.50
N LEU A 41 51.83 4.60 -33.12
CA LEU A 41 50.46 4.93 -32.76
C LEU A 41 50.39 5.84 -31.53
N ASP A 42 51.18 5.52 -30.51
CA ASP A 42 51.37 6.35 -29.32
C ASP A 42 51.73 7.83 -29.58
N ARG A 43 52.70 8.01 -30.42
CA ARG A 43 53.15 9.30 -30.82
C ARG A 43 52.03 10.08 -31.56
N ILE A 44 51.30 9.42 -32.45
CA ILE A 44 50.18 10.04 -33.18
C ILE A 44 49.04 10.48 -32.22
N CYS A 45 48.74 9.66 -31.20
CA CYS A 45 47.64 9.92 -30.29
C CYS A 45 48.08 11.03 -29.35
N HIS A 46 49.33 10.98 -28.88
CA HIS A 46 49.94 12.02 -28.04
C HIS A 46 49.87 13.38 -28.65
N ASP A 47 50.39 13.48 -29.88
CA ASP A 47 50.38 14.72 -30.61
C ASP A 47 48.98 15.28 -30.82
N TYR A 48 48.03 14.38 -31.10
CA TYR A 48 46.67 14.76 -31.34
C TYR A 48 46.06 15.33 -30.09
N ILE A 49 46.21 14.59 -29.01
CA ILE A 49 45.67 15.03 -27.74
C ILE A 49 46.27 16.40 -27.33
N VAL A 50 47.58 16.53 -27.47
CA VAL A 50 48.29 17.66 -26.85
C VAL A 50 48.20 18.89 -27.74
N ASN A 51 48.38 18.65 -29.04
CA ASN A 51 48.43 19.76 -30.00
C ASN A 51 47.09 20.07 -30.53
N GLU A 52 46.24 19.11 -30.79
CA GLU A 52 44.95 19.43 -31.39
C GLU A 52 43.77 19.54 -30.42
N GLN A 53 43.69 18.68 -29.41
CA GLN A 53 42.59 18.75 -28.47
C GLN A 53 42.93 19.69 -27.30
N LYS A 54 44.15 20.15 -27.24
CA LYS A 54 44.53 20.98 -26.09
C LYS A 54 44.25 20.32 -24.75
N ALA A 55 44.72 19.08 -24.66
CA ALA A 55 44.50 18.23 -23.51
C ALA A 55 45.76 17.43 -23.20
N ILE A 56 45.67 16.48 -22.28
CA ILE A 56 46.81 15.75 -21.78
C ILE A 56 46.42 14.28 -21.73
N PRO A 57 47.33 13.39 -22.15
CA PRO A 57 47.06 11.98 -22.03
C PRO A 57 47.37 11.52 -20.61
N ALA A 58 46.36 11.01 -19.94
CA ALA A 58 46.45 10.69 -18.55
C ALA A 58 47.43 9.58 -18.14
N PRO A 59 47.65 8.60 -19.00
CA PRO A 59 48.61 7.50 -18.67
C PRO A 59 50.04 7.94 -18.58
N LEU A 60 50.37 9.04 -19.25
CA LEU A 60 51.77 9.45 -19.35
C LEU A 60 52.31 9.79 -17.98
N ASN A 61 53.26 8.98 -17.54
CA ASN A 61 53.93 9.11 -16.30
C ASN A 61 53.03 8.78 -15.13
N TYR A 62 51.85 8.25 -15.39
CA TYR A 62 50.95 7.86 -14.30
C TYR A 62 51.47 6.56 -13.60
N LYS A 63 51.90 6.70 -12.36
CA LYS A 63 52.50 5.58 -11.60
C LYS A 63 53.66 4.94 -12.36
N GLY A 64 54.47 5.76 -13.00
CA GLY A 64 55.59 5.28 -13.74
C GLY A 64 55.26 4.86 -15.16
N PHE A 65 54.00 4.71 -15.57
CA PHE A 65 53.74 4.27 -16.94
C PHE A 65 54.43 5.18 -17.95
N PRO A 66 55.15 4.61 -18.94
CA PRO A 66 56.06 5.47 -19.71
C PRO A 66 55.47 6.03 -20.99
N LYS A 67 54.23 5.76 -21.30
CA LYS A 67 53.69 6.18 -22.59
C LYS A 67 52.28 6.91 -22.44
N SER A 68 51.68 7.28 -23.56
CA SER A 68 50.52 8.14 -23.58
C SER A 68 49.22 7.34 -23.72
N ILE A 69 49.37 6.13 -24.28
CA ILE A 69 48.32 5.20 -24.51
C ILE A 69 48.78 3.80 -24.11
N CYS A 70 47.83 2.86 -23.92
CA CYS A 70 48.18 1.43 -23.86
C CYS A 70 47.77 0.72 -25.14
N THR A 71 48.65 -0.15 -25.63
CA THR A 71 48.40 -0.98 -26.77
C THR A 71 48.61 -2.45 -26.38
N SER A 72 47.52 -3.21 -26.37
CA SER A 72 47.53 -4.63 -25.95
C SER A 72 47.14 -5.53 -27.11
N ILE A 73 48.08 -6.34 -27.51
CA ILE A 73 47.93 -7.19 -28.68
C ILE A 73 47.77 -8.66 -28.28
N ASN A 74 46.83 -9.35 -28.93
CA ASN A 74 46.67 -10.81 -28.85
C ASN A 74 46.44 -11.35 -27.48
N HIS A 75 47.42 -12.07 -26.91
CA HIS A 75 47.28 -12.69 -25.57
C HIS A 75 47.55 -11.68 -24.46
N VAL A 76 47.97 -10.47 -24.80
CA VAL A 76 48.17 -9.47 -23.76
C VAL A 76 46.78 -9.05 -23.32
N VAL A 77 46.51 -9.03 -22.03
CA VAL A 77 45.19 -8.68 -21.46
C VAL A 77 45.01 -7.15 -21.34
N CYS A 78 46.03 -6.47 -20.83
CA CYS A 78 45.92 -5.03 -20.61
C CYS A 78 47.25 -4.45 -20.37
N HIS A 79 47.30 -3.12 -20.44
CA HIS A 79 48.46 -2.31 -20.04
C HIS A 79 49.71 -2.54 -20.90
N GLY A 80 49.58 -3.04 -22.12
CA GLY A 80 50.73 -3.13 -23.03
C GLY A 80 51.41 -1.80 -23.34
N ILE A 81 52.74 -1.83 -23.38
CA ILE A 81 53.53 -0.63 -23.55
C ILE A 81 53.80 -0.43 -25.02
N PRO A 82 53.28 0.61 -25.64
CA PRO A 82 53.76 0.88 -26.98
C PRO A 82 55.27 0.75 -27.18
N ASN A 83 55.65 0.09 -28.25
CA ASN A 83 57.08 -0.18 -28.49
C ASN A 83 57.28 -0.31 -30.00
N GLU A 84 58.47 -0.77 -30.39
CA GLU A 84 58.90 -0.72 -31.79
C GLU A 84 58.41 -1.95 -32.59
N LYS A 85 57.67 -2.87 -31.95
CA LYS A 85 57.13 -4.04 -32.72
C LYS A 85 56.06 -3.61 -33.69
N PRO A 86 56.15 -4.06 -34.95
CA PRO A 86 55.08 -3.67 -35.85
C PRO A 86 53.89 -4.58 -35.62
N LEU A 87 52.72 -4.09 -36.00
CA LEU A 87 51.50 -4.86 -35.99
C LEU A 87 51.63 -5.84 -37.13
N LYS A 88 51.09 -7.05 -36.93
CA LYS A 88 51.12 -8.09 -37.94
C LYS A 88 49.73 -8.46 -38.41
N GLU A 89 49.64 -8.83 -39.67
CA GLU A 89 48.43 -9.46 -40.16
C GLU A 89 47.92 -10.50 -39.18
N GLY A 90 46.63 -10.52 -38.87
CA GLY A 90 46.13 -11.47 -37.87
C GLY A 90 46.09 -11.02 -36.41
N ASP A 91 46.72 -9.89 -36.09
CA ASP A 91 46.72 -9.41 -34.73
C ASP A 91 45.35 -8.85 -34.34
N ILE A 92 44.96 -9.01 -33.08
CA ILE A 92 43.92 -8.15 -32.50
C ILE A 92 44.61 -7.16 -31.54
N LEU A 93 44.09 -5.95 -31.53
CA LEU A 93 44.72 -4.83 -30.85
C LEU A 93 43.73 -4.01 -30.06
N ASN A 94 43.96 -3.92 -28.75
CA ASN A 94 43.29 -2.91 -27.91
C ASN A 94 44.09 -1.64 -27.86
N VAL A 95 43.43 -0.53 -28.15
CA VAL A 95 43.96 0.82 -27.91
C VAL A 95 43.11 1.46 -26.81
N ASP A 96 43.74 1.73 -25.67
CA ASP A 96 43.11 2.28 -24.47
C ASP A 96 43.63 3.70 -24.31
N ILE A 97 42.69 4.60 -24.39
CA ILE A 97 42.84 6.03 -24.31
C ILE A 97 42.25 6.59 -22.97
N THR A 98 43.02 7.43 -22.31
CA THR A 98 42.46 8.34 -21.29
C THR A 98 43.01 9.76 -21.54
N VAL A 99 42.07 10.70 -21.75
CA VAL A 99 42.34 12.10 -21.96
C VAL A 99 41.95 12.86 -20.69
N ILE A 100 42.80 13.82 -20.33
CA ILE A 100 42.46 14.84 -19.31
C ILE A 100 42.25 16.19 -19.96
N LYS A 101 41.06 16.74 -19.77
CA LYS A 101 40.71 18.07 -20.29
C LYS A 101 40.30 19.00 -19.14
N ASP A 102 41.09 20.05 -18.94
CA ASP A 102 40.97 20.93 -17.82
C ASP A 102 40.73 20.18 -16.53
N GLY A 103 41.41 19.09 -16.29
CA GLY A 103 41.27 18.38 -15.03
C GLY A 103 40.27 17.21 -15.01
N TYR A 104 39.42 17.13 -16.02
CA TYR A 104 38.43 16.05 -16.09
C TYR A 104 38.88 14.94 -17.05
N HIS A 105 38.77 13.72 -16.59
CA HIS A 105 39.24 12.55 -17.31
C HIS A 105 38.16 11.86 -18.19
N GLY A 106 38.53 11.41 -19.39
CA GLY A 106 37.65 10.53 -20.20
C GLY A 106 38.42 9.32 -20.67
N ASP A 107 37.81 8.15 -20.50
CA ASP A 107 38.52 6.87 -20.56
C ASP A 107 37.69 5.86 -21.38
N THR A 108 38.32 5.34 -22.44
CA THR A 108 37.66 4.41 -23.29
C THR A 108 38.71 3.57 -24.08
N SER A 109 38.30 2.40 -24.52
CA SER A 109 39.21 1.62 -25.34
C SER A 109 38.42 0.82 -26.31
N LYS A 110 39.07 0.41 -27.40
CA LYS A 110 38.47 -0.47 -28.36
C LYS A 110 39.43 -1.46 -28.97
N MET A 111 38.79 -2.53 -29.49
CA MET A 111 39.51 -3.53 -30.27
C MET A 111 39.59 -3.20 -31.72
N PHE A 112 40.73 -3.54 -32.31
CA PHE A 112 40.93 -3.42 -33.75
C PHE A 112 41.34 -4.83 -34.25
N LEU A 113 40.81 -5.23 -35.39
CA LEU A 113 41.18 -6.48 -36.06
C LEU A 113 42.12 -6.10 -37.18
N VAL A 114 43.37 -6.57 -37.10
CA VAL A 114 44.38 -6.25 -38.10
C VAL A 114 44.39 -7.32 -39.21
N GLY A 115 43.85 -6.96 -40.36
CA GLY A 115 43.85 -7.88 -41.53
C GLY A 115 42.96 -9.10 -41.31
N LYS A 116 43.39 -10.20 -41.90
CA LYS A 116 42.76 -11.47 -41.68
C LYS A 116 43.06 -11.97 -40.29
N THR A 117 42.05 -12.05 -39.47
CA THR A 117 42.18 -12.56 -38.11
C THR A 117 41.56 -13.97 -38.06
N PRO A 118 42.07 -14.85 -37.21
CA PRO A 118 41.30 -16.12 -36.93
C PRO A 118 39.81 -15.88 -36.56
N GLU A 119 38.89 -16.84 -36.79
CA GLU A 119 37.45 -16.51 -36.57
C GLU A 119 37.06 -16.56 -35.08
N TRP A 120 37.72 -17.40 -34.33
CA TRP A 120 37.52 -17.32 -32.93
C TRP A 120 37.77 -15.84 -32.52
N ALA A 121 38.67 -15.14 -33.22
CA ALA A 121 39.10 -13.82 -32.74
C ALA A 121 38.08 -12.73 -32.99
N ASP A 122 37.46 -12.67 -34.17
CA ASP A 122 36.41 -11.67 -34.41
C ASP A 122 35.30 -11.77 -33.32
N ARG A 123 34.90 -12.99 -33.07
CA ARG A 123 33.80 -13.27 -32.21
C ARG A 123 34.20 -13.01 -30.77
N LEU A 124 35.42 -13.33 -30.36
CA LEU A 124 35.86 -12.93 -29.05
C LEU A 124 35.70 -11.41 -28.88
N CYS A 125 36.10 -10.63 -29.90
CA CYS A 125 36.03 -9.18 -29.86
C CYS A 125 34.59 -8.69 -29.86
N GLN A 126 33.74 -9.31 -30.69
CA GLN A 126 32.34 -8.97 -30.75
C GLN A 126 31.58 -9.30 -29.41
N ILE A 127 31.78 -10.46 -28.86
CA ILE A 127 31.10 -10.82 -27.65
C ILE A 127 31.53 -9.97 -26.45
N THR A 128 32.82 -9.64 -26.41
CA THR A 128 33.38 -8.77 -25.37
C THR A 128 32.74 -7.42 -25.46
N GLN A 129 32.58 -6.90 -26.67
CA GLN A 129 31.86 -5.64 -26.83
C GLN A 129 30.40 -5.73 -26.39
N GLU A 130 29.74 -6.83 -26.76
CA GLU A 130 28.42 -7.09 -26.24
C GLU A 130 28.30 -7.21 -24.73
N CYS A 131 29.31 -7.78 -24.10
CA CYS A 131 29.32 -7.82 -22.66
C CYS A 131 29.34 -6.43 -22.05
N MET A 132 30.19 -5.57 -22.61
CA MET A 132 30.26 -4.19 -22.11
C MET A 132 28.91 -3.48 -22.24
N TYR A 133 28.33 -3.55 -23.42
CA TYR A 133 27.05 -2.97 -23.69
C TYR A 133 25.99 -3.51 -22.71
N LYS A 134 26.01 -4.81 -22.39
CA LYS A 134 25.00 -5.38 -21.47
C LYS A 134 25.19 -4.84 -20.06
N GLY A 135 26.44 -4.61 -19.66
CA GLY A 135 26.75 -4.02 -18.35
C GLY A 135 26.23 -2.61 -18.33
N ILE A 136 26.46 -1.90 -19.44
CA ILE A 136 26.03 -0.53 -19.49
C ILE A 136 24.50 -0.46 -19.32
N SER A 137 23.79 -1.31 -20.06
CA SER A 137 22.32 -1.32 -20.12
C SER A 137 21.62 -1.59 -18.73
N VAL A 138 22.29 -2.14 -17.72
CA VAL A 138 21.67 -2.36 -16.39
C VAL A 138 21.91 -1.21 -15.34
N VAL A 139 22.59 -0.16 -15.83
CA VAL A 139 23.00 0.97 -15.05
C VAL A 139 21.86 1.96 -14.88
N ARG A 140 21.50 2.24 -13.63
CA ARG A 140 20.43 3.20 -13.32
C ARG A 140 20.49 3.39 -11.84
N PRO A 141 19.91 4.46 -11.35
CA PRO A 141 19.92 4.61 -9.89
C PRO A 141 19.18 3.45 -9.24
N GLY A 142 19.70 2.90 -8.17
CA GLY A 142 19.09 1.74 -7.55
C GLY A 142 19.62 0.39 -8.04
N ALA A 143 20.22 0.35 -9.25
CA ALA A 143 20.93 -0.87 -9.68
C ALA A 143 22.07 -1.13 -8.70
N HIS A 144 22.57 -2.36 -8.61
CA HIS A 144 23.79 -2.61 -7.82
C HIS A 144 25.00 -2.94 -8.71
N LEU A 145 26.21 -2.63 -8.28
CA LEU A 145 27.41 -3.01 -9.09
C LEU A 145 27.49 -4.48 -9.49
N GLY A 146 26.97 -5.38 -8.68
CA GLY A 146 26.98 -6.79 -8.99
C GLY A 146 26.06 -7.16 -10.16
N ASP A 147 25.13 -6.31 -10.51
CA ASP A 147 24.32 -6.51 -11.71
C ASP A 147 25.15 -6.37 -13.00
N ILE A 148 26.09 -5.42 -13.00
CA ILE A 148 27.02 -5.26 -14.12
C ILE A 148 27.87 -6.52 -14.29
N GLY A 149 28.45 -6.98 -13.18
CA GLY A 149 29.29 -8.16 -13.24
C GLY A 149 28.54 -9.43 -13.67
N GLU A 150 27.32 -9.63 -13.17
CA GLU A 150 26.60 -10.85 -13.46
C GLU A 150 26.27 -10.90 -14.91
N ILE A 151 25.74 -9.82 -15.47
CA ILE A 151 25.29 -9.86 -16.86
C ILE A 151 26.47 -10.02 -17.84
N ILE A 152 27.59 -9.36 -17.56
CA ILE A 152 28.84 -9.61 -18.31
C ILE A 152 29.34 -11.04 -18.24
N GLN A 153 29.44 -11.56 -17.04
CA GLN A 153 29.91 -12.91 -16.81
C GLN A 153 29.04 -14.01 -17.48
N LYS A 154 27.72 -13.81 -17.51
CA LYS A 154 26.82 -14.81 -18.10
C LYS A 154 27.07 -14.91 -19.58
N HIS A 155 27.08 -13.74 -20.20
CA HIS A 155 27.23 -13.63 -21.61
C HIS A 155 28.61 -14.12 -22.06
N ALA A 156 29.66 -13.84 -21.30
CA ALA A 156 30.96 -14.42 -21.62
C ALA A 156 30.96 -15.92 -21.54
N GLU A 157 30.47 -16.43 -20.41
CA GLU A 157 30.54 -17.86 -20.13
C GLU A 157 29.66 -18.70 -21.04
N LYS A 158 28.52 -18.16 -21.42
CA LYS A 158 27.67 -18.80 -22.42
C LYS A 158 28.42 -19.02 -23.71
N ASN A 159 29.32 -18.08 -24.05
CA ASN A 159 30.12 -18.16 -25.30
C ASN A 159 31.46 -18.90 -25.12
N GLY A 160 31.66 -19.55 -23.97
CA GLY A 160 32.88 -20.35 -23.77
C GLY A 160 34.09 -19.53 -23.33
N PHE A 161 33.86 -18.27 -22.97
CA PHE A 161 34.97 -17.39 -22.58
C PHE A 161 34.91 -17.19 -21.06
N SER A 162 35.99 -16.68 -20.47
CA SER A 162 36.05 -16.41 -19.09
C SER A 162 36.31 -14.92 -18.89
N VAL A 163 35.93 -14.45 -17.70
CA VAL A 163 36.11 -13.10 -17.23
C VAL A 163 37.37 -12.92 -16.40
N VAL A 164 38.17 -11.96 -16.76
CA VAL A 164 39.33 -11.59 -15.96
C VAL A 164 38.91 -10.95 -14.64
N ARG A 165 39.46 -11.50 -13.58
CA ARG A 165 39.11 -11.17 -12.20
C ARG A 165 40.01 -10.16 -11.47
N GLU A 166 41.26 -10.04 -11.86
CA GLU A 166 42.16 -9.21 -11.03
C GLU A 166 42.33 -7.79 -11.58
N TYR A 167 41.62 -7.42 -12.64
CA TYR A 167 41.59 -6.02 -13.08
C TYR A 167 40.11 -5.64 -13.13
N CYS A 168 39.80 -4.36 -12.97
CA CYS A 168 38.44 -3.93 -12.98
C CYS A 168 38.23 -2.48 -13.44
N GLY A 169 36.98 -2.10 -13.61
CA GLY A 169 36.61 -0.72 -13.92
C GLY A 169 36.68 0.13 -12.64
N HIS A 170 36.34 1.41 -12.71
CA HIS A 170 36.64 2.31 -11.59
C HIS A 170 35.88 3.55 -11.71
N GLY A 171 35.56 4.18 -10.60
CA GLY A 171 35.07 5.53 -10.66
C GLY A 171 36.06 6.44 -11.38
N ILE A 172 35.58 7.55 -11.93
CA ILE A 172 36.42 8.46 -12.67
C ILE A 172 35.83 9.83 -12.67
N GLY A 173 36.68 10.85 -12.74
CA GLY A 173 36.23 12.21 -12.57
C GLY A 173 37.33 13.21 -12.83
N LYS A 174 37.64 13.98 -11.78
CA LYS A 174 38.81 14.85 -11.77
C LYS A 174 40.01 14.03 -11.37
N VAL A 175 39.75 12.80 -11.00
CA VAL A 175 40.79 11.82 -10.70
C VAL A 175 40.55 10.62 -11.66
N PHE A 176 41.65 10.00 -12.08
CA PHE A 176 41.67 8.94 -13.11
C PHE A 176 41.01 7.66 -12.54
N HIS A 177 41.39 7.29 -11.31
CA HIS A 177 40.92 6.05 -10.67
C HIS A 177 40.35 6.38 -9.33
N GLU A 178 39.05 6.33 -9.19
CA GLU A 178 38.45 6.50 -7.89
C GLU A 178 37.52 5.35 -7.60
N GLU A 179 36.93 5.38 -6.41
CA GLU A 179 35.95 4.38 -5.96
C GLU A 179 34.71 4.59 -6.81
N PRO A 180 33.95 3.50 -7.07
CA PRO A 180 34.14 2.14 -6.62
C PRO A 180 34.97 1.34 -7.62
N GLN A 181 35.38 0.14 -7.22
CA GLN A 181 35.93 -0.84 -8.12
C GLN A 181 34.77 -1.54 -8.84
N VAL A 182 34.81 -1.55 -10.18
CA VAL A 182 33.74 -2.19 -10.99
C VAL A 182 34.23 -3.57 -11.53
N LEU A 183 33.81 -4.61 -10.81
CA LEU A 183 34.11 -5.99 -11.17
C LEU A 183 33.26 -6.38 -12.34
N HIS A 184 33.81 -7.23 -13.21
CA HIS A 184 33.11 -7.62 -14.41
C HIS A 184 32.60 -9.06 -14.29
N TYR A 185 32.59 -9.54 -13.06
CA TYR A 185 31.98 -10.82 -12.70
C TYR A 185 31.24 -10.62 -11.39
N GLY A 186 30.30 -11.52 -11.07
CA GLY A 186 29.65 -11.53 -9.71
C GLY A 186 28.16 -11.82 -9.76
N ARG A 187 27.45 -11.31 -8.77
CA ARG A 187 26.12 -11.78 -8.46
C ARG A 187 25.22 -10.57 -8.39
N ALA A 188 24.14 -10.57 -9.17
CA ALA A 188 23.25 -9.42 -9.23
C ALA A 188 22.76 -9.02 -7.82
N GLY A 189 22.21 -7.83 -7.66
CA GLY A 189 21.77 -7.40 -6.31
C GLY A 189 22.81 -7.28 -5.19
N THR A 190 24.09 -7.54 -5.47
CA THR A 190 25.12 -7.35 -4.50
C THR A 190 25.99 -6.17 -4.88
N GLY A 191 26.87 -5.82 -3.95
CA GLY A 191 27.73 -4.67 -4.00
C GLY A 191 26.94 -3.41 -3.79
N ILE A 192 27.63 -2.28 -4.02
CA ILE A 192 27.05 -0.98 -3.71
C ILE A 192 26.02 -0.59 -4.72
N GLU A 193 25.14 0.29 -4.28
CA GLU A 193 24.04 0.71 -5.05
C GLU A 193 24.36 1.99 -5.77
N LEU A 194 23.99 2.08 -7.04
CA LEU A 194 24.31 3.25 -7.82
C LEU A 194 23.35 4.39 -7.55
N LYS A 195 23.83 5.63 -7.80
CA LYS A 195 23.06 6.82 -7.60
C LYS A 195 23.28 7.78 -8.74
N GLU A 196 22.31 8.61 -9.05
CA GLU A 196 22.46 9.62 -10.08
C GLU A 196 23.72 10.44 -9.82
N GLY A 197 24.39 10.88 -10.89
CA GLY A 197 25.66 11.63 -10.77
C GLY A 197 26.95 10.82 -10.58
N MET A 198 26.86 9.53 -10.29
CA MET A 198 28.12 8.72 -10.24
C MET A 198 28.67 8.48 -11.71
N ILE A 199 29.99 8.46 -11.85
CA ILE A 199 30.62 8.20 -13.14
C ILE A 199 31.67 7.18 -12.92
N PHE A 200 31.68 6.17 -13.78
CA PHE A 200 32.61 5.06 -13.64
C PHE A 200 32.76 4.37 -15.02
N THR A 201 33.77 3.55 -15.13
CA THR A 201 34.04 2.89 -16.40
C THR A 201 33.59 1.46 -16.33
N ILE A 202 33.22 0.92 -17.46
CA ILE A 202 32.98 -0.52 -17.62
C ILE A 202 33.93 -0.96 -18.74
N GLU A 203 34.81 -1.92 -18.43
CA GLU A 203 35.98 -2.19 -19.22
C GLU A 203 36.34 -3.68 -19.15
N PRO A 204 35.34 -4.55 -19.52
CA PRO A 204 35.59 -5.94 -19.24
C PRO A 204 36.77 -6.45 -20.11
N MET A 205 37.63 -7.23 -19.50
CA MET A 205 38.62 -8.07 -20.18
C MET A 205 38.17 -9.51 -20.25
N ILE A 206 38.05 -10.05 -21.46
CA ILE A 206 37.43 -11.35 -21.62
C ILE A 206 38.38 -12.28 -22.37
N ASN A 207 38.64 -13.46 -21.79
CA ASN A 207 39.66 -14.38 -22.29
C ASN A 207 39.00 -15.54 -23.02
N GLN A 208 39.71 -16.05 -23.99
CA GLN A 208 39.21 -17.14 -24.84
C GLN A 208 39.29 -18.46 -24.09
N GLY A 209 40.30 -18.62 -23.23
CA GLY A 209 40.49 -19.81 -22.44
C GLY A 209 40.24 -19.56 -20.97
N ARG A 210 41.23 -19.79 -20.12
CA ARG A 210 41.14 -19.50 -18.66
C ARG A 210 41.34 -18.03 -18.30
N PRO A 211 40.80 -17.59 -17.11
CA PRO A 211 40.81 -16.20 -16.67
C PRO A 211 42.09 -15.72 -16.06
N GLU A 212 42.95 -16.66 -15.64
CA GLU A 212 44.14 -16.26 -14.89
C GLU A 212 45.08 -15.45 -15.79
N THR A 213 45.81 -14.51 -15.19
CA THR A 213 46.76 -13.67 -15.91
C THR A 213 48.11 -13.71 -15.23
N ARG A 214 49.08 -13.07 -15.84
CA ARG A 214 50.42 -13.17 -15.37
C ARG A 214 51.10 -11.91 -15.82
N LEU A 215 51.85 -11.30 -14.91
CA LEU A 215 52.54 -10.06 -15.20
C LEU A 215 53.90 -10.31 -15.86
N LEU A 216 54.26 -9.59 -16.93
CA LEU A 216 55.66 -9.72 -17.50
C LEU A 216 56.70 -8.85 -16.78
N GLY A 217 57.98 -9.12 -17.12
CA GLY A 217 59.16 -8.44 -16.54
C GLY A 217 59.00 -6.95 -16.35
N ASP A 218 58.56 -6.28 -17.38
CA ASP A 218 58.35 -4.85 -17.29
C ASP A 218 57.38 -4.36 -16.18
N GLY A 219 56.78 -5.29 -15.40
CA GLY A 219 55.78 -4.96 -14.34
C GLY A 219 54.48 -4.26 -14.78
N TRP A 220 54.18 -4.28 -16.06
CA TRP A 220 52.97 -3.61 -16.60
C TRP A 220 52.11 -4.59 -17.37
N THR A 221 52.78 -5.26 -18.29
CA THR A 221 52.11 -5.99 -19.30
C THR A 221 51.58 -7.27 -18.74
N ALA A 222 50.24 -7.37 -18.71
CA ALA A 222 49.61 -8.57 -18.24
C ALA A 222 49.25 -9.40 -19.44
N ILE A 223 49.49 -10.71 -19.35
CA ILE A 223 49.10 -11.63 -20.41
C ILE A 223 48.23 -12.73 -19.84
N THR A 224 47.53 -13.42 -20.72
CA THR A 224 46.80 -14.61 -20.34
C THR A 224 47.80 -15.71 -19.95
N LYS A 225 47.57 -16.32 -18.80
CA LYS A 225 48.42 -17.42 -18.35
C LYS A 225 48.51 -18.50 -19.36
N ASP A 226 47.40 -18.80 -20.01
CA ASP A 226 47.38 -19.92 -20.95
C ASP A 226 47.66 -19.47 -22.38
N ARG A 227 47.96 -18.18 -22.54
CA ARG A 227 48.43 -17.65 -23.83
C ARG A 227 47.40 -17.64 -24.92
N LYS A 228 46.14 -17.82 -24.59
CA LYS A 228 45.09 -17.59 -25.55
C LYS A 228 44.76 -16.12 -25.60
N LEU A 229 43.89 -15.79 -26.53
CA LEU A 229 43.52 -14.39 -26.77
C LEU A 229 42.70 -13.75 -25.66
N SER A 230 42.75 -12.42 -25.58
CA SER A 230 42.02 -11.66 -24.61
C SER A 230 41.60 -10.36 -25.25
N ALA A 231 40.34 -9.94 -25.07
CA ALA A 231 39.82 -8.71 -25.60
C ALA A 231 39.21 -7.83 -24.53
N GLN A 232 39.26 -6.53 -24.78
CA GLN A 232 38.67 -5.53 -23.91
C GLN A 232 38.03 -4.42 -24.74
N TRP A 233 36.93 -3.92 -24.20
CA TRP A 233 36.33 -2.68 -24.65
C TRP A 233 35.98 -1.86 -23.40
N GLU A 234 36.09 -0.54 -23.48
CA GLU A 234 35.79 0.37 -22.31
C GLU A 234 35.00 1.59 -22.71
N HIS A 235 34.05 1.97 -21.85
CA HIS A 235 33.42 3.26 -21.92
C HIS A 235 33.35 3.91 -20.52
N THR A 236 33.24 5.23 -20.51
CA THR A 236 32.98 5.96 -19.31
C THR A 236 31.45 6.16 -19.23
N VAL A 237 30.85 5.75 -18.12
CA VAL A 237 29.39 5.78 -17.96
C VAL A 237 28.92 6.71 -16.83
N LEU A 238 28.08 7.67 -17.15
CA LEU A 238 27.34 8.46 -16.18
C LEU A 238 26.02 7.79 -15.75
N VAL A 239 25.81 7.65 -14.44
CA VAL A 239 24.47 7.25 -13.93
C VAL A 239 23.48 8.45 -14.05
N THR A 240 22.51 8.42 -14.97
CA THR A 240 21.55 9.51 -15.03
C THR A 240 20.36 9.34 -14.01
N ALA A 241 19.37 10.21 -14.15
CA ALA A 241 18.19 10.22 -13.27
C ALA A 241 17.46 8.89 -13.32
N ASP A 242 17.36 8.34 -14.51
CA ASP A 242 16.66 7.07 -14.62
C ASP A 242 17.39 6.02 -15.49
N GLY A 243 18.68 6.21 -15.77
CA GLY A 243 19.48 5.20 -16.52
C GLY A 243 20.98 5.51 -16.63
N TYR A 244 21.44 5.65 -17.87
CA TYR A 244 22.87 5.73 -18.16
C TYR A 244 23.09 6.76 -19.22
N GLU A 245 24.26 7.37 -19.20
CA GLU A 245 24.74 8.06 -20.41
C GLU A 245 26.21 7.64 -20.63
N ILE A 246 26.52 7.22 -21.87
CA ILE A 246 27.88 6.86 -22.28
C ILE A 246 28.61 8.13 -22.70
N LEU A 247 29.55 8.57 -21.85
CA LEU A 247 30.25 9.77 -22.15
C LEU A 247 31.23 9.60 -23.34
N THR A 248 31.60 8.36 -23.65
CA THR A 248 32.67 8.14 -24.65
C THR A 248 32.24 7.47 -25.96
N LEU A 249 30.97 7.53 -26.26
CA LEU A 249 30.40 6.95 -27.46
C LEU A 249 31.03 7.51 -28.71
N ARG A 250 31.30 6.64 -29.66
CA ARG A 250 31.93 7.06 -30.91
C ARG A 250 30.85 7.18 -31.99
N ASN A 251 31.10 7.95 -33.04
CA ASN A 251 30.12 8.01 -34.15
C ASN A 251 30.00 6.67 -34.95
N ASP A 252 31.03 5.83 -34.99
CA ASP A 252 30.87 4.49 -35.61
C ASP A 252 29.92 3.58 -34.81
N GLU A 253 29.65 3.87 -33.55
CA GLU A 253 28.87 2.95 -32.73
C GLU A 253 27.37 3.15 -32.96
N THR A 254 26.59 2.07 -32.90
CA THR A 254 25.12 2.16 -33.06
C THR A 254 24.32 1.83 -31.77
N PHE A 255 25.02 1.59 -30.68
CA PHE A 255 24.37 1.41 -29.39
C PHE A 255 23.86 2.78 -28.88
N PRO A 256 22.73 2.79 -28.15
CA PRO A 256 22.23 4.14 -27.80
C PRO A 256 23.09 4.80 -26.75
N ARG A 257 23.36 6.09 -26.95
CA ARG A 257 24.11 6.91 -25.97
C ARG A 257 23.43 6.95 -24.59
N THR A 258 22.09 6.94 -24.57
CA THR A 258 21.28 6.88 -23.34
C THR A 258 20.14 5.88 -23.39
N SER A 259 19.72 5.43 -22.20
CA SER A 259 18.52 4.56 -21.98
C SER A 259 17.13 5.19 -22.19
N ASN B 2 15.11 -17.99 6.35
CA ASN B 2 14.37 -17.26 5.29
C ASN B 2 13.14 -16.47 5.75
N VAL B 3 12.86 -15.43 4.98
CA VAL B 3 11.82 -14.50 5.34
C VAL B 3 10.57 -14.77 4.49
N THR B 4 9.47 -15.16 5.12
CA THR B 4 8.19 -15.32 4.39
C THR B 4 7.74 -14.05 3.61
N ILE B 5 7.12 -14.29 2.46
CA ILE B 5 6.49 -13.27 1.62
C ILE B 5 4.97 -13.52 1.66
N LYS B 6 4.23 -12.58 2.22
CA LYS B 6 2.78 -12.76 2.24
C LYS B 6 2.12 -12.63 0.82
N THR B 7 1.20 -13.56 0.50
CA THR B 7 0.32 -13.48 -0.71
C THR B 7 -0.72 -12.38 -0.49
N PRO B 8 -1.37 -11.92 -1.58
CA PRO B 8 -2.35 -10.83 -1.42
C PRO B 8 -3.50 -11.17 -0.42
N ASP B 9 -3.91 -12.43 -0.36
CA ASP B 9 -4.96 -12.83 0.57
C ASP B 9 -4.52 -12.69 2.05
N ASP B 10 -3.31 -13.18 2.31
CA ASP B 10 -2.62 -13.01 3.56
C ASP B 10 -2.58 -11.54 4.00
N ILE B 11 -2.20 -10.71 3.05
CA ILE B 11 -2.07 -9.34 3.34
C ILE B 11 -3.42 -8.76 3.77
N GLU B 12 -4.48 -9.12 3.06
CA GLU B 12 -5.82 -8.59 3.39
C GLU B 12 -6.19 -9.01 4.82
N LYS B 13 -5.78 -10.21 5.21
CA LYS B 13 -6.00 -10.67 6.56
C LYS B 13 -5.10 -10.11 7.61
N MET B 14 -3.90 -9.72 7.23
CA MET B 14 -3.02 -8.96 8.12
C MET B 14 -3.53 -7.56 8.35
N ARG B 15 -4.16 -6.94 7.32
CA ARG B 15 -4.81 -5.64 7.46
C ARG B 15 -5.92 -5.67 8.45
N ILE B 16 -6.72 -6.75 8.42
CA ILE B 16 -7.77 -6.90 9.40
C ILE B 16 -7.18 -7.01 10.83
N ALA B 17 -6.23 -7.92 11.02
CA ALA B 17 -5.63 -8.14 12.32
C ALA B 17 -5.03 -6.87 12.83
N GLY B 18 -4.44 -6.07 11.93
CA GLY B 18 -3.77 -4.85 12.38
C GLY B 18 -4.71 -3.75 12.82
N ARG B 19 -5.80 -3.58 12.07
CA ARG B 19 -6.86 -2.66 12.44
C ARG B 19 -7.40 -3.06 13.80
N LEU B 20 -7.61 -4.34 14.03
CA LEU B 20 -8.08 -4.79 15.33
C LEU B 20 -7.14 -4.48 16.47
N ALA B 21 -5.86 -4.80 16.29
CA ALA B 21 -4.83 -4.41 17.26
C ALA B 21 -4.86 -2.87 17.47
N ALA B 22 -4.97 -2.11 16.38
CA ALA B 22 -5.07 -0.65 16.56
C ALA B 22 -6.31 -0.21 17.39
N GLU B 23 -7.40 -0.88 17.16
CA GLU B 23 -8.65 -0.54 17.80
C GLU B 23 -8.62 -0.78 19.31
N VAL B 24 -7.87 -1.82 19.76
CA VAL B 24 -7.71 -2.07 21.17
C VAL B 24 -7.09 -0.81 21.78
N LEU B 25 -6.06 -0.28 21.08
CA LEU B 25 -5.33 0.85 21.65
C LEU B 25 -6.21 2.09 21.67
N GLU B 26 -6.91 2.32 20.59
CA GLU B 26 -7.87 3.42 20.57
C GLU B 26 -8.91 3.26 21.70
N MET B 27 -9.38 2.04 21.92
CA MET B 27 -10.40 1.80 22.98
C MET B 27 -9.86 2.07 24.36
N ILE B 28 -8.71 1.46 24.67
CA ILE B 28 -8.20 1.45 26.03
C ILE B 28 -7.74 2.85 26.51
N GLY B 29 -7.39 3.73 25.58
CA GLY B 29 -7.03 5.11 25.92
C GLY B 29 -8.07 5.75 26.87
N GLU B 30 -9.34 5.49 26.63
CA GLU B 30 -10.40 6.16 27.39
C GLU B 30 -10.57 5.63 28.81
N HIS B 31 -9.87 4.53 29.15
CA HIS B 31 -9.91 3.97 30.50
C HIS B 31 -8.63 4.29 31.30
N ILE B 32 -7.64 4.87 30.63
CA ILE B 32 -6.37 5.17 31.30
C ILE B 32 -6.39 6.49 32.05
N LYS B 33 -6.23 6.39 33.36
CA LYS B 33 -6.17 7.55 34.25
C LYS B 33 -5.69 7.13 35.66
N PRO B 34 -5.27 8.08 36.47
CA PRO B 34 -4.62 7.69 37.74
C PRO B 34 -5.57 6.85 38.60
N GLY B 35 -5.09 5.86 39.29
CA GLY B 35 -6.00 5.05 40.10
C GLY B 35 -6.32 3.69 39.51
N VAL B 36 -6.42 3.61 38.18
CA VAL B 36 -6.77 2.29 37.56
C VAL B 36 -5.55 1.38 37.57
N THR B 37 -5.75 0.08 37.80
CA THR B 37 -4.66 -0.87 37.85
C THR B 37 -4.37 -1.37 36.45
N THR B 38 -3.21 -1.95 36.23
CA THR B 38 -2.87 -2.47 34.90
C THR B 38 -3.63 -3.78 34.73
N GLU B 39 -3.81 -4.53 35.83
CA GLU B 39 -4.72 -5.71 35.82
C GLU B 39 -6.07 -5.36 35.19
N GLU B 40 -6.62 -4.21 35.57
CA GLU B 40 -7.99 -3.90 35.17
C GLU B 40 -8.01 -3.59 33.67
N LEU B 41 -7.03 -2.84 33.21
CA LEU B 41 -6.80 -2.63 31.80
C LEU B 41 -6.56 -3.95 31.03
N ASP B 42 -5.80 -4.88 31.58
CA ASP B 42 -5.65 -6.18 30.95
C ASP B 42 -7.03 -6.83 30.75
N ARG B 43 -7.83 -6.74 31.80
CA ARG B 43 -9.13 -7.39 31.78
C ARG B 43 -9.99 -6.74 30.73
N ILE B 44 -9.99 -5.41 30.66
CA ILE B 44 -10.81 -4.68 29.73
C ILE B 44 -10.33 -5.01 28.29
N CYS B 45 -9.01 -5.08 28.08
CA CYS B 45 -8.50 -5.39 26.76
C CYS B 45 -8.84 -6.82 26.33
N HIS B 46 -8.59 -7.78 27.21
CA HIS B 46 -8.95 -9.19 27.00
C HIS B 46 -10.45 -9.37 26.63
N ASP B 47 -11.32 -8.74 27.40
CA ASP B 47 -12.72 -8.79 27.10
C ASP B 47 -13.10 -8.24 25.74
N TYR B 48 -12.52 -7.10 25.38
CA TYR B 48 -12.83 -6.50 24.10
C TYR B 48 -12.42 -7.39 22.93
N ILE B 49 -11.20 -7.91 23.01
CA ILE B 49 -10.61 -8.78 21.99
C ILE B 49 -11.45 -10.05 21.84
N VAL B 50 -11.60 -10.79 22.94
CA VAL B 50 -12.28 -12.10 22.94
C VAL B 50 -13.78 -11.94 22.62
N ASN B 51 -14.50 -11.05 23.30
CA ASN B 51 -15.96 -11.00 23.16
C ASN B 51 -16.44 -10.09 22.03
N GLU B 52 -15.79 -8.93 21.81
CA GLU B 52 -16.29 -8.04 20.79
C GLU B 52 -15.59 -8.23 19.44
N GLN B 53 -14.26 -8.37 19.38
CA GLN B 53 -13.55 -8.51 18.08
C GLN B 53 -13.58 -9.98 17.59
N LYS B 54 -14.01 -10.90 18.45
CA LYS B 54 -13.95 -12.34 18.19
C LYS B 54 -12.54 -12.71 17.70
N ALA B 55 -11.58 -12.37 18.54
CA ALA B 55 -10.16 -12.56 18.29
C ALA B 55 -9.49 -13.05 19.55
N ILE B 56 -8.18 -13.25 19.47
CA ILE B 56 -7.41 -13.80 20.62
C ILE B 56 -6.21 -12.89 20.95
N PRO B 57 -5.94 -12.62 22.22
CA PRO B 57 -4.73 -11.91 22.61
C PRO B 57 -3.52 -12.82 22.60
N ALA B 58 -2.61 -12.59 21.66
CA ALA B 58 -1.47 -13.44 21.41
C ALA B 58 -0.52 -13.58 22.59
N PRO B 59 -0.44 -12.56 23.47
CA PRO B 59 0.54 -12.74 24.52
C PRO B 59 0.14 -13.74 25.56
N LEU B 60 -1.18 -13.95 25.72
CA LEU B 60 -1.70 -14.89 26.74
C LEU B 60 -1.10 -16.30 26.57
N ASN B 61 -0.40 -16.73 27.61
CA ASN B 61 0.30 -18.00 27.63
C ASN B 61 1.44 -18.19 26.68
N TYR B 62 1.90 -17.12 26.03
CA TYR B 62 2.93 -17.24 25.02
C TYR B 62 4.27 -17.31 25.73
N LYS B 63 4.91 -18.46 25.61
CA LYS B 63 6.12 -18.81 26.36
C LYS B 63 5.94 -18.56 27.83
N GLY B 64 4.75 -18.83 28.34
CA GLY B 64 4.48 -18.68 29.78
C GLY B 64 3.98 -17.32 30.22
N PHE B 65 3.99 -16.35 29.32
CA PHE B 65 3.50 -15.03 29.68
C PHE B 65 2.05 -15.12 30.21
N PRO B 66 1.78 -14.59 31.42
CA PRO B 66 0.50 -14.85 32.13
C PRO B 66 -0.65 -13.87 31.88
N LYS B 67 -0.44 -12.85 31.05
CA LYS B 67 -1.51 -11.93 30.75
C LYS B 67 -1.77 -11.76 29.24
N SER B 68 -2.77 -10.93 28.93
CA SER B 68 -3.24 -10.71 27.60
C SER B 68 -2.57 -9.54 26.89
N ILE B 69 -2.11 -8.57 27.69
CA ILE B 69 -1.35 -7.39 27.24
C ILE B 69 -0.12 -7.19 28.09
N CYS B 70 0.84 -6.42 27.57
CA CYS B 70 1.99 -5.93 28.38
C CYS B 70 1.76 -4.50 28.72
N THR B 71 2.14 -4.13 29.94
CA THR B 71 1.93 -2.77 30.48
C THR B 71 3.27 -2.41 31.13
N SER B 72 4.04 -1.54 30.52
CA SER B 72 5.38 -1.23 30.98
C SER B 72 5.36 0.22 31.44
N ILE B 73 5.68 0.42 32.71
CA ILE B 73 5.63 1.73 33.34
C ILE B 73 7.00 2.29 33.64
N ASN B 74 7.13 3.58 33.34
CA ASN B 74 8.30 4.39 33.72
C ASN B 74 9.68 3.75 33.44
N HIS B 75 10.41 3.30 34.43
CA HIS B 75 11.74 2.72 34.12
C HIS B 75 11.66 1.27 33.55
N VAL B 76 10.46 0.72 33.49
CA VAL B 76 10.25 -0.61 32.85
C VAL B 76 10.40 -0.43 31.33
N VAL B 77 11.27 -1.20 30.71
CA VAL B 77 11.59 -1.05 29.27
C VAL B 77 10.58 -1.83 28.40
N CYS B 78 10.26 -3.06 28.80
CA CYS B 78 9.27 -3.89 28.09
C CYS B 78 8.82 -5.07 28.90
N HIS B 79 7.69 -5.65 28.47
CA HIS B 79 7.17 -6.94 28.98
C HIS B 79 6.71 -6.89 30.42
N GLY B 80 6.33 -5.68 30.88
CA GLY B 80 5.70 -5.49 32.16
C GLY B 80 4.46 -6.35 32.32
N ILE B 81 4.24 -6.90 33.51
CA ILE B 81 3.04 -7.75 33.74
C ILE B 81 1.93 -6.97 34.38
N PRO B 82 0.80 -6.84 33.71
CA PRO B 82 -0.36 -6.24 34.42
C PRO B 82 -0.55 -6.78 35.84
N ASN B 83 -0.80 -5.89 36.81
CA ASN B 83 -0.83 -6.29 38.22
C ASN B 83 -1.76 -5.35 38.99
N GLU B 84 -1.79 -5.48 40.31
CA GLU B 84 -2.75 -4.77 41.15
C GLU B 84 -2.33 -3.29 41.48
N LYS B 85 -1.12 -2.87 41.08
CA LYS B 85 -0.68 -1.49 41.34
C LYS B 85 -1.43 -0.42 40.55
N PRO B 86 -1.88 0.62 41.21
CA PRO B 86 -2.64 1.57 40.40
C PRO B 86 -1.69 2.47 39.65
N LEU B 87 -2.08 2.97 38.48
CA LEU B 87 -1.32 4.03 37.83
C LEU B 87 -1.34 5.27 38.73
N LYS B 88 -0.23 5.98 38.77
CA LYS B 88 -0.14 7.23 39.54
C LYS B 88 -0.01 8.34 38.55
N GLU B 89 -0.56 9.51 38.90
CA GLU B 89 -0.27 10.77 38.23
C GLU B 89 1.24 10.89 37.95
N GLY B 90 1.63 11.22 36.73
CA GLY B 90 3.03 11.42 36.42
C GLY B 90 3.62 10.24 35.66
N ASP B 91 2.99 9.09 35.78
CA ASP B 91 3.44 7.90 35.09
C ASP B 91 3.35 8.04 33.57
N ILE B 92 4.34 7.45 32.95
CA ILE B 92 4.22 7.02 31.54
C ILE B 92 4.01 5.49 31.49
N LEU B 93 3.08 5.10 30.61
CA LEU B 93 2.65 3.73 30.46
C LEU B 93 2.71 3.33 29.02
N ASN B 94 3.35 2.21 28.74
CA ASN B 94 3.23 1.58 27.39
C ASN B 94 2.23 0.42 27.53
N VAL B 95 1.26 0.36 26.62
CA VAL B 95 0.38 -0.80 26.46
C VAL B 95 0.78 -1.38 25.10
N ASP B 96 1.22 -2.65 25.12
CA ASP B 96 1.67 -3.42 23.97
C ASP B 96 0.63 -4.55 23.77
N ILE B 97 -0.04 -4.46 22.62
CA ILE B 97 -1.15 -5.31 22.19
C ILE B 97 -0.62 -6.15 21.04
N THR B 98 -1.04 -7.42 21.05
CA THR B 98 -1.01 -8.24 19.85
C THR B 98 -2.30 -9.07 19.74
N VAL B 99 -2.99 -8.90 18.61
CA VAL B 99 -4.24 -9.60 18.37
C VAL B 99 -4.01 -10.61 17.25
N ILE B 100 -4.57 -11.80 17.45
CA ILE B 100 -4.64 -12.89 16.43
C ILE B 100 -6.10 -13.01 16.00
N LYS B 101 -6.34 -12.76 14.73
CA LYS B 101 -7.66 -12.86 14.16
C LYS B 101 -7.56 -13.87 13.02
N ASP B 102 -8.19 -15.03 13.23
CA ASP B 102 -8.16 -16.10 12.26
C ASP B 102 -6.75 -16.52 11.94
N GLY B 103 -5.87 -16.54 12.92
CA GLY B 103 -4.52 -17.03 12.72
C GLY B 103 -3.52 -15.93 12.37
N TYR B 104 -3.97 -14.75 11.99
CA TYR B 104 -3.07 -13.67 11.56
C TYR B 104 -2.79 -12.63 12.66
N HIS B 105 -1.54 -12.18 12.79
CA HIS B 105 -1.20 -11.36 13.93
C HIS B 105 -1.06 -9.86 13.64
N GLY B 106 -1.46 -8.99 14.59
CA GLY B 106 -1.27 -7.53 14.52
C GLY B 106 -0.69 -7.08 15.83
N ASP B 107 0.48 -6.41 15.79
CA ASP B 107 1.26 -6.09 16.94
C ASP B 107 1.54 -4.59 16.98
N THR B 108 1.11 -3.91 18.06
CA THR B 108 1.33 -2.46 18.20
C THR B 108 1.30 -2.07 19.64
N SER B 109 1.96 -0.94 19.91
CA SER B 109 2.04 -0.36 21.24
C SER B 109 2.10 1.13 21.19
N LYS B 110 1.76 1.73 22.31
CA LYS B 110 1.74 3.17 22.42
C LYS B 110 1.99 3.60 23.88
N MET B 111 2.49 4.83 24.02
CA MET B 111 2.67 5.51 25.29
C MET B 111 1.46 6.41 25.65
N PHE B 112 1.06 6.26 26.89
CA PHE B 112 0.07 7.11 27.48
C PHE B 112 0.71 7.90 28.60
N LEU B 113 0.35 9.17 28.66
CA LEU B 113 0.81 10.07 29.70
C LEU B 113 -0.25 10.05 30.80
N VAL B 114 0.07 9.56 31.98
CA VAL B 114 -0.98 9.41 32.98
C VAL B 114 -1.09 10.68 33.84
N GLY B 115 -2.14 11.44 33.56
CA GLY B 115 -2.34 12.70 34.28
C GLY B 115 -1.29 13.72 33.86
N LYS B 116 -0.88 14.54 34.81
CA LYS B 116 0.12 15.55 34.54
C LYS B 116 1.44 14.80 34.57
N THR B 117 2.22 14.84 33.48
CA THR B 117 3.52 14.17 33.41
C THR B 117 4.68 15.18 33.36
N PRO B 118 5.87 14.79 33.81
CA PRO B 118 6.93 15.76 33.71
C PRO B 118 7.35 15.92 32.23
N GLU B 119 7.86 17.11 31.94
CA GLU B 119 8.28 17.50 30.61
C GLU B 119 9.34 16.60 29.99
N TRP B 120 10.23 16.02 30.79
CA TRP B 120 11.27 15.20 30.25
C TRP B 120 10.76 13.82 29.80
N ALA B 121 9.75 13.35 30.51
CA ALA B 121 8.99 12.16 30.16
C ALA B 121 8.26 12.42 28.85
N ASP B 122 7.54 13.52 28.71
CA ASP B 122 6.92 13.87 27.44
C ASP B 122 7.93 13.92 26.28
N ARG B 123 9.09 14.52 26.49
CA ARG B 123 10.08 14.64 25.46
C ARG B 123 10.63 13.27 25.02
N LEU B 124 10.90 12.41 25.99
CA LEU B 124 11.27 11.04 25.73
C LEU B 124 10.25 10.30 24.85
N CYS B 125 8.95 10.40 25.21
CA CYS B 125 7.88 9.75 24.44
C CYS B 125 7.78 10.27 23.03
N GLN B 126 7.92 11.58 22.88
CA GLN B 126 7.89 12.26 21.58
C GLN B 126 9.05 11.84 20.67
N ILE B 127 10.27 11.86 21.18
CA ILE B 127 11.42 11.44 20.38
C ILE B 127 11.32 9.95 20.02
N THR B 128 10.82 9.10 20.93
CA THR B 128 10.63 7.69 20.63
C THR B 128 9.62 7.49 19.47
N GLN B 129 8.51 8.19 19.52
CA GLN B 129 7.56 8.13 18.43
C GLN B 129 8.15 8.60 17.14
N GLU B 130 8.83 9.74 17.20
CA GLU B 130 9.51 10.23 16.02
C GLU B 130 10.48 9.19 15.45
N CYS B 131 11.25 8.54 16.34
CA CYS B 131 12.21 7.56 15.87
C CYS B 131 11.47 6.41 15.16
N MET B 132 10.42 5.93 15.80
CA MET B 132 9.63 4.88 15.17
C MET B 132 9.17 5.32 13.74
N TYR B 133 8.58 6.52 13.65
CA TYR B 133 8.09 7.04 12.33
C TYR B 133 9.23 7.14 11.27
N LYS B 134 10.42 7.54 11.72
CA LYS B 134 11.54 7.70 10.82
C LYS B 134 11.98 6.32 10.33
N GLY B 135 12.01 5.37 11.25
CA GLY B 135 12.28 3.97 10.94
C GLY B 135 11.28 3.52 9.90
N ILE B 136 10.01 3.73 10.13
CA ILE B 136 8.98 3.40 9.10
C ILE B 136 9.22 4.13 7.78
N SER B 137 9.66 5.39 7.85
CA SER B 137 9.75 6.21 6.64
C SER B 137 10.73 5.67 5.60
N VAL B 138 11.74 4.90 5.98
CA VAL B 138 12.69 4.43 4.99
C VAL B 138 12.34 3.03 4.48
N VAL B 139 11.22 2.47 4.92
CA VAL B 139 10.83 1.11 4.49
C VAL B 139 10.26 1.15 3.05
N ARG B 140 10.88 0.36 2.15
CA ARG B 140 10.45 0.23 0.77
C ARG B 140 11.22 -0.93 0.17
N PRO B 141 10.77 -1.48 -0.98
CA PRO B 141 11.60 -2.51 -1.64
C PRO B 141 13.01 -1.99 -1.93
N GLY B 142 14.02 -2.83 -1.79
CA GLY B 142 15.43 -2.41 -2.00
C GLY B 142 16.10 -1.65 -0.87
N ALA B 143 15.34 -1.15 0.13
CA ALA B 143 15.96 -0.68 1.37
C ALA B 143 16.63 -1.81 2.11
N HIS B 144 17.52 -1.48 3.05
CA HIS B 144 18.14 -2.52 3.93
C HIS B 144 17.73 -2.39 5.35
N LEU B 145 17.73 -3.48 6.10
CA LEU B 145 17.24 -3.42 7.47
C LEU B 145 18.06 -2.46 8.30
N GLY B 146 19.37 -2.38 8.05
CA GLY B 146 20.23 -1.43 8.76
C GLY B 146 19.86 0.05 8.54
N ASP B 147 19.13 0.37 7.46
CA ASP B 147 18.64 1.71 7.25
C ASP B 147 17.69 2.10 8.38
N ILE B 148 16.83 1.16 8.78
CA ILE B 148 15.85 1.42 9.84
C ILE B 148 16.58 1.67 11.12
N GLY B 149 17.53 0.77 11.43
CA GLY B 149 18.34 0.93 12.59
C GLY B 149 19.07 2.26 12.64
N GLU B 150 19.65 2.68 11.52
CA GLU B 150 20.54 3.82 11.53
C GLU B 150 19.74 5.06 11.80
N ILE B 151 18.60 5.20 11.15
CA ILE B 151 17.85 6.40 11.28
C ILE B 151 17.22 6.53 12.66
N ILE B 152 16.82 5.41 13.29
CA ILE B 152 16.29 5.45 14.62
C ILE B 152 17.42 5.89 15.54
N GLN B 153 18.57 5.22 15.43
CA GLN B 153 19.70 5.48 16.32
C GLN B 153 20.22 6.95 16.31
N LYS B 154 20.44 7.47 15.12
CA LYS B 154 20.82 8.87 14.97
C LYS B 154 19.81 9.89 15.51
N HIS B 155 18.52 9.71 15.29
CA HIS B 155 17.57 10.65 15.86
C HIS B 155 17.56 10.56 17.41
N ALA B 156 17.57 9.36 17.95
CA ALA B 156 17.62 9.18 19.39
C ALA B 156 18.88 9.84 20.01
N GLU B 157 20.03 9.45 19.51
CA GLU B 157 21.34 9.90 20.01
C GLU B 157 21.57 11.37 19.74
N LYS B 158 21.14 11.91 18.63
CA LYS B 158 21.41 13.32 18.46
C LYS B 158 20.57 14.12 19.48
N ASN B 159 19.44 13.57 19.97
CA ASN B 159 18.59 14.28 20.92
C ASN B 159 18.84 13.90 22.35
N GLY B 160 19.99 13.24 22.61
CA GLY B 160 20.41 12.97 23.97
C GLY B 160 19.95 11.63 24.60
N PHE B 161 19.33 10.75 23.83
CA PHE B 161 18.79 9.47 24.35
C PHE B 161 19.57 8.28 23.74
N SER B 162 19.45 7.11 24.37
CA SER B 162 20.11 5.92 23.96
C SER B 162 19.08 4.88 23.45
N VAL B 163 19.56 3.95 22.63
CA VAL B 163 18.74 2.92 22.04
C VAL B 163 18.97 1.63 22.73
N VAL B 164 17.91 0.93 23.09
CA VAL B 164 18.08 -0.37 23.80
C VAL B 164 18.49 -1.36 22.75
N ARG B 165 19.50 -2.16 23.03
CA ARG B 165 20.10 -3.01 22.02
C ARG B 165 19.62 -4.45 22.07
N GLU B 166 19.25 -4.99 23.23
CA GLU B 166 18.96 -6.42 23.32
C GLU B 166 17.49 -6.78 23.09
N TYR B 167 16.66 -5.83 22.70
CA TYR B 167 15.32 -6.17 22.15
C TYR B 167 15.15 -5.57 20.77
N CYS B 168 14.39 -6.24 19.94
CA CYS B 168 14.30 -5.84 18.54
C CYS B 168 12.91 -6.13 18.03
N GLY B 169 12.62 -5.61 16.83
CA GLY B 169 11.36 -5.94 16.15
C GLY B 169 11.57 -7.27 15.42
N HIS B 170 10.55 -7.72 14.70
CA HIS B 170 10.48 -9.09 14.16
C HIS B 170 9.52 -9.14 13.07
N GLY B 171 9.82 -10.00 12.11
CA GLY B 171 8.78 -10.57 11.29
C GLY B 171 7.53 -11.02 12.06
N ILE B 172 6.38 -10.89 11.39
CA ILE B 172 5.13 -11.29 11.91
C ILE B 172 4.19 -11.62 10.76
N GLY B 173 3.31 -12.60 10.96
CA GLY B 173 2.27 -12.95 10.05
C GLY B 173 1.33 -13.91 10.76
N LYS B 174 1.34 -15.16 10.32
CA LYS B 174 0.57 -16.24 10.94
C LYS B 174 1.29 -16.75 12.22
N VAL B 175 2.51 -16.29 12.42
CA VAL B 175 3.20 -16.47 13.67
C VAL B 175 3.52 -15.10 14.27
N PHE B 176 3.59 -15.07 15.58
CA PHE B 176 3.89 -13.86 16.36
C PHE B 176 5.32 -13.32 16.06
N HIS B 177 6.31 -14.20 16.08
CA HIS B 177 7.73 -13.85 15.95
C HIS B 177 8.37 -14.72 14.88
N GLU B 178 8.68 -14.13 13.74
CA GLU B 178 9.48 -14.79 12.69
C GLU B 178 10.59 -13.87 12.28
N GLU B 179 11.43 -14.37 11.37
CA GLU B 179 12.49 -13.53 10.77
C GLU B 179 11.86 -12.41 9.98
N PRO B 180 12.51 -11.24 9.89
CA PRO B 180 13.88 -10.98 10.37
C PRO B 180 13.87 -10.37 11.76
N GLN B 181 15.04 -10.24 12.38
CA GLN B 181 15.20 -9.45 13.55
C GLN B 181 15.40 -8.01 13.10
N VAL B 182 14.69 -7.08 13.72
CA VAL B 182 14.67 -5.68 13.29
C VAL B 182 15.32 -4.87 14.40
N LEU B 183 16.63 -4.63 14.25
CA LEU B 183 17.42 -3.92 15.24
C LEU B 183 17.13 -2.44 15.14
N HIS B 184 17.05 -1.76 16.27
CA HIS B 184 16.82 -0.31 16.25
C HIS B 184 18.08 0.56 16.29
N TYR B 185 19.20 -0.04 15.91
CA TYR B 185 20.50 0.66 15.81
C TYR B 185 21.25 -0.04 14.69
N GLY B 186 22.15 0.67 14.04
CA GLY B 186 23.05 0.02 13.06
C GLY B 186 23.41 0.98 11.96
N ARG B 187 23.72 0.43 10.81
CA ARG B 187 24.31 1.20 9.70
C ARG B 187 23.52 1.04 8.40
N ALA B 188 23.21 2.13 7.74
CA ALA B 188 22.56 2.06 6.42
C ALA B 188 23.26 1.11 5.46
N GLY B 189 22.47 0.42 4.64
CA GLY B 189 23.01 -0.51 3.69
C GLY B 189 23.32 -1.89 4.24
N THR B 190 23.22 -2.14 5.54
CA THR B 190 23.56 -3.48 6.04
C THR B 190 22.30 -4.26 6.20
N GLY B 191 22.45 -5.56 6.33
CA GLY B 191 21.34 -6.47 6.56
C GLY B 191 20.62 -6.83 5.28
N ILE B 192 19.56 -7.63 5.41
CA ILE B 192 18.88 -8.13 4.23
C ILE B 192 18.15 -6.97 3.55
N GLU B 193 17.99 -7.13 2.26
CA GLU B 193 17.26 -6.20 1.43
C GLU B 193 15.74 -6.41 1.70
N LEU B 194 14.99 -5.33 1.78
CA LEU B 194 13.52 -5.45 1.95
C LEU B 194 12.81 -5.73 0.61
N LYS B 195 11.79 -6.59 0.68
CA LYS B 195 11.02 -6.97 -0.48
C LYS B 195 9.54 -6.76 -0.25
N GLU B 196 8.86 -6.44 -1.33
CA GLU B 196 7.41 -6.38 -1.33
C GLU B 196 6.79 -7.63 -0.69
N GLY B 197 5.78 -7.43 0.17
CA GLY B 197 5.13 -8.58 0.82
C GLY B 197 5.68 -9.01 2.17
N MET B 198 6.84 -8.47 2.54
CA MET B 198 7.36 -8.69 3.87
C MET B 198 6.58 -7.87 4.89
N ILE B 199 6.46 -8.45 6.09
CA ILE B 199 5.80 -7.76 7.20
C ILE B 199 6.53 -7.95 8.48
N PHE B 200 6.74 -6.87 9.24
CA PHE B 200 7.54 -6.88 10.44
C PHE B 200 7.23 -5.65 11.28
N THR B 201 7.72 -5.67 12.52
CA THR B 201 7.41 -4.62 13.47
C THR B 201 8.59 -3.69 13.55
N ILE B 202 8.31 -2.43 13.82
CA ILE B 202 9.32 -1.50 14.23
C ILE B 202 8.87 -0.98 15.61
N GLU B 203 9.65 -1.28 16.63
CA GLU B 203 9.24 -1.08 18.02
C GLU B 203 10.42 -0.66 18.93
N PRO B 204 11.07 0.43 18.58
CA PRO B 204 12.22 0.87 19.33
C PRO B 204 11.94 1.22 20.77
N MET B 205 12.82 0.73 21.64
CA MET B 205 12.88 1.13 23.04
C MET B 205 14.05 2.08 23.22
N ILE B 206 13.73 3.26 23.75
CA ILE B 206 14.64 4.37 23.85
C ILE B 206 14.70 4.80 25.32
N ASN B 207 15.92 4.99 25.84
CA ASN B 207 16.06 5.33 27.23
C ASN B 207 16.44 6.78 27.43
N GLN B 208 15.93 7.32 28.54
CA GLN B 208 16.31 8.62 29.03
C GLN B 208 17.84 8.79 29.29
N GLY B 209 18.43 7.80 29.94
CA GLY B 209 19.83 7.81 30.26
C GLY B 209 20.61 6.84 29.42
N ARG B 210 21.13 5.82 30.07
CA ARG B 210 21.98 4.78 29.46
C ARG B 210 21.19 3.65 28.86
N PRO B 211 21.76 2.92 27.90
CA PRO B 211 21.02 1.91 27.15
C PRO B 211 20.80 0.56 27.81
N GLU B 212 21.55 0.25 28.85
CA GLU B 212 21.58 -1.15 29.36
C GLU B 212 20.32 -1.47 30.15
N THR B 213 19.88 -2.71 30.04
CA THR B 213 18.70 -3.17 30.77
C THR B 213 19.05 -4.39 31.62
N ARG B 214 18.14 -4.77 32.50
CA ARG B 214 18.25 -6.05 33.21
C ARG B 214 16.86 -6.56 33.49
N LEU B 215 16.80 -7.87 33.61
CA LEU B 215 15.59 -8.63 33.68
C LEU B 215 15.30 -8.92 35.17
N LEU B 216 14.11 -8.59 35.65
CA LEU B 216 13.73 -8.88 37.04
C LEU B 216 13.50 -10.38 37.32
N GLY B 217 13.23 -10.69 38.58
CA GLY B 217 13.10 -12.08 39.04
C GLY B 217 12.08 -12.86 38.24
N ASP B 218 10.98 -12.20 37.93
CA ASP B 218 9.84 -12.86 37.28
C ASP B 218 10.08 -13.42 35.89
N GLY B 219 11.28 -13.26 35.33
CA GLY B 219 11.60 -13.77 33.99
C GLY B 219 11.15 -12.94 32.78
N TRP B 220 10.46 -11.84 33.02
CA TRP B 220 9.87 -11.08 31.92
C TRP B 220 10.13 -9.55 31.96
N THR B 221 9.99 -8.95 33.14
CA THR B 221 10.00 -7.53 33.26
C THR B 221 11.44 -7.04 33.11
N ALA B 222 11.68 -6.28 32.05
CA ALA B 222 13.00 -5.64 31.83
C ALA B 222 12.96 -4.15 32.25
N ILE B 223 13.97 -3.73 33.01
CA ILE B 223 14.07 -2.36 33.52
C ILE B 223 15.36 -1.69 33.08
N THR B 224 15.39 -0.37 33.14
CA THR B 224 16.65 0.34 32.86
C THR B 224 17.66 0.03 34.01
N LYS B 225 18.88 -0.32 33.65
CA LYS B 225 19.96 -0.50 34.60
C LYS B 225 20.12 0.71 35.52
N ASP B 226 19.96 1.94 35.01
CA ASP B 226 20.07 3.18 35.80
C ASP B 226 18.77 3.67 36.39
N ARG B 227 17.69 2.91 36.21
CA ARG B 227 16.38 3.30 36.76
C ARG B 227 15.82 4.61 36.20
N LYS B 228 16.33 5.08 35.07
CA LYS B 228 15.67 6.18 34.39
C LYS B 228 14.60 5.69 33.45
N LEU B 229 13.86 6.65 32.90
CA LEU B 229 12.71 6.33 32.05
C LEU B 229 13.09 5.64 30.75
N SER B 230 12.17 4.82 30.26
CA SER B 230 12.29 4.13 28.95
C SER B 230 10.98 4.22 28.23
N ALA B 231 10.99 4.54 26.93
CA ALA B 231 9.77 4.56 26.17
C ALA B 231 9.85 3.68 24.97
N GLN B 232 8.65 3.28 24.52
CA GLN B 232 8.49 2.47 23.36
C GLN B 232 7.24 2.82 22.60
N TRP B 233 7.33 2.77 21.26
CA TRP B 233 6.16 2.80 20.37
C TRP B 233 6.44 1.73 19.31
N GLU B 234 5.38 1.02 18.90
CA GLU B 234 5.45 -0.08 17.96
C GLU B 234 4.29 0.03 16.91
N HIS B 235 4.66 -0.23 15.66
CA HIS B 235 3.74 -0.59 14.59
C HIS B 235 4.12 -1.82 13.80
N THR B 236 3.09 -2.43 13.24
CA THR B 236 3.24 -3.48 12.24
C THR B 236 3.28 -2.84 10.83
N VAL B 237 4.34 -3.14 10.08
CA VAL B 237 4.64 -2.49 8.79
C VAL B 237 4.71 -3.50 7.60
N LEU B 238 3.98 -3.21 6.53
CA LEU B 238 4.05 -4.04 5.34
C LEU B 238 4.95 -3.32 4.34
N VAL B 239 5.86 -4.05 3.71
CA VAL B 239 6.50 -3.55 2.51
C VAL B 239 5.61 -3.69 1.27
N THR B 240 5.35 -2.57 0.64
CA THR B 240 4.48 -2.55 -0.53
C THR B 240 5.32 -2.34 -1.78
N ALA B 241 4.70 -2.38 -2.93
CA ALA B 241 5.40 -2.12 -4.22
C ALA B 241 6.11 -0.81 -4.15
N ASP B 242 5.42 0.16 -3.53
CA ASP B 242 5.93 1.54 -3.40
C ASP B 242 6.89 1.94 -2.26
N GLY B 243 6.63 1.39 -1.08
CA GLY B 243 7.23 1.83 0.14
C GLY B 243 6.65 0.99 1.25
N TYR B 244 5.78 1.62 2.05
CA TYR B 244 5.34 1.06 3.32
C TYR B 244 3.84 1.27 3.50
N GLU B 245 3.24 0.40 4.32
CA GLU B 245 1.88 0.58 4.76
C GLU B 245 1.84 0.17 6.23
N ILE B 246 1.43 1.08 7.07
CA ILE B 246 1.29 0.85 8.50
C ILE B 246 -0.01 0.14 8.79
N LEU B 247 0.02 -1.18 9.01
CA LEU B 247 -1.23 -1.93 9.18
C LEU B 247 -1.94 -1.63 10.53
N THR B 248 -1.19 -1.15 11.52
CA THR B 248 -1.72 -0.83 12.85
C THR B 248 -2.01 0.68 13.13
N LEU B 249 -2.14 1.47 12.07
CA LEU B 249 -2.30 2.93 12.23
C LEU B 249 -3.62 3.18 12.97
N ARG B 250 -3.61 4.08 13.97
CA ARG B 250 -4.82 4.42 14.65
C ARG B 250 -5.35 5.72 14.03
N ASN B 251 -6.63 5.97 14.15
CA ASN B 251 -7.20 7.17 13.57
C ASN B 251 -6.83 8.43 14.32
N ASP B 252 -6.22 8.31 15.51
CA ASP B 252 -5.67 9.44 16.24
C ASP B 252 -4.30 9.86 15.72
N GLU B 253 -3.67 9.09 14.86
CA GLU B 253 -2.32 9.42 14.44
C GLU B 253 -2.39 10.34 13.21
N THR B 254 -1.43 11.23 13.04
CA THR B 254 -1.36 12.09 11.82
C THR B 254 -0.18 11.80 10.86
N PHE B 255 0.53 10.72 11.10
CA PHE B 255 1.55 10.29 10.20
C PHE B 255 0.82 9.46 9.12
N PRO B 256 1.17 9.65 7.84
CA PRO B 256 0.47 8.94 6.72
C PRO B 256 0.54 7.40 6.78
N ARG B 257 -0.58 6.75 6.58
CA ARG B 257 -0.65 5.28 6.51
C ARG B 257 0.34 4.59 5.51
N THR B 258 0.58 5.25 4.37
CA THR B 258 1.44 4.76 3.32
C THR B 258 2.32 5.91 2.82
N SER B 259 3.37 5.57 2.04
CA SER B 259 4.39 6.56 1.53
C SER B 259 4.03 7.53 0.35
N ASN C 2 -49.14 -1.20 4.07
CA ASN C 2 -50.37 -0.83 4.82
C ASN C 2 -50.61 -1.63 6.14
N VAL C 3 -51.36 -1.00 7.04
CA VAL C 3 -51.42 -1.31 8.46
C VAL C 3 -52.75 -1.99 8.77
N THR C 4 -52.76 -2.86 9.76
CA THR C 4 -53.97 -3.60 10.12
C THR C 4 -54.64 -2.91 11.31
N ILE C 5 -55.95 -3.12 11.42
CA ILE C 5 -56.75 -2.62 12.55
C ILE C 5 -57.17 -3.86 13.34
N LYS C 6 -57.00 -3.89 14.67
CA LYS C 6 -57.30 -5.08 15.47
C LYS C 6 -58.76 -5.03 15.89
N THR C 7 -59.42 -6.18 15.93
CA THR C 7 -60.83 -6.26 16.31
C THR C 7 -60.92 -6.22 17.79
N PRO C 8 -62.09 -5.82 18.33
CA PRO C 8 -62.30 -5.87 19.79
C PRO C 8 -61.79 -7.19 20.43
N ASP C 9 -62.00 -8.30 19.72
CA ASP C 9 -61.55 -9.59 20.19
C ASP C 9 -60.00 -9.72 20.11
N ASP C 10 -59.41 -9.34 18.97
CA ASP C 10 -57.94 -9.22 18.90
C ASP C 10 -57.42 -8.44 20.11
N ILE C 11 -58.09 -7.33 20.39
CA ILE C 11 -57.64 -6.41 21.42
C ILE C 11 -57.61 -7.07 22.78
N GLU C 12 -58.61 -7.87 23.08
CA GLU C 12 -58.67 -8.46 24.40
C GLU C 12 -57.60 -9.51 24.51
N LYS C 13 -57.25 -10.18 23.40
CA LYS C 13 -56.13 -11.13 23.40
C LYS C 13 -54.70 -10.49 23.36
N MET C 14 -54.60 -9.26 22.82
CA MET C 14 -53.40 -8.48 22.94
C MET C 14 -53.17 -8.03 24.38
N ARG C 15 -54.23 -7.72 25.15
CA ARG C 15 -54.07 -7.38 26.57
C ARG C 15 -53.49 -8.46 27.45
N ILE C 16 -53.91 -9.67 27.14
CA ILE C 16 -53.45 -10.84 27.83
C ILE C 16 -51.95 -11.02 27.60
N ALA C 17 -51.53 -11.06 26.34
CA ALA C 17 -50.11 -11.16 25.95
C ALA C 17 -49.26 -10.01 26.47
N GLY C 18 -49.81 -8.81 26.44
CA GLY C 18 -49.14 -7.63 27.01
C GLY C 18 -48.92 -7.74 28.51
N ARG C 19 -49.95 -8.15 29.23
CA ARG C 19 -49.83 -8.36 30.68
C ARG C 19 -48.79 -9.43 30.99
N LEU C 20 -48.86 -10.55 30.27
CA LEU C 20 -47.86 -11.60 30.48
C LEU C 20 -46.41 -11.13 30.18
N ALA C 21 -46.17 -10.40 29.08
CA ALA C 21 -44.85 -9.82 28.84
C ALA C 21 -44.43 -8.89 30.02
N ALA C 22 -45.34 -8.01 30.46
CA ALA C 22 -45.07 -7.20 31.67
C ALA C 22 -44.66 -8.07 32.83
N GLU C 23 -45.35 -9.18 33.05
CA GLU C 23 -45.08 -10.00 34.27
C GLU C 23 -43.70 -10.72 34.25
N VAL C 24 -43.27 -11.13 33.06
CA VAL C 24 -41.86 -11.61 32.92
C VAL C 24 -40.87 -10.57 33.47
N LEU C 25 -41.03 -9.31 33.08
CA LEU C 25 -40.16 -8.22 33.58
C LEU C 25 -40.30 -7.96 35.08
N GLU C 26 -41.52 -8.06 35.62
CA GLU C 26 -41.74 -7.95 37.08
C GLU C 26 -41.08 -9.12 37.80
N MET C 27 -41.10 -10.31 37.22
CA MET C 27 -40.55 -11.48 37.85
C MET C 27 -39.06 -11.46 37.82
N ILE C 28 -38.49 -11.02 36.70
CA ILE C 28 -37.05 -11.17 36.51
C ILE C 28 -36.18 -10.21 37.38
N GLY C 29 -36.71 -9.08 37.82
CA GLY C 29 -35.92 -8.07 38.59
C GLY C 29 -35.21 -8.63 39.82
N GLU C 30 -35.89 -9.54 40.54
CA GLU C 30 -35.32 -10.21 41.74
C GLU C 30 -33.97 -10.88 41.51
N HIS C 31 -33.76 -11.36 40.29
CA HIS C 31 -32.62 -12.17 39.98
C HIS C 31 -31.48 -11.35 39.39
N ILE C 32 -31.68 -10.03 39.29
CA ILE C 32 -30.71 -9.18 38.69
C ILE C 32 -29.78 -8.62 39.74
N LYS C 33 -28.56 -9.15 39.77
CA LYS C 33 -27.55 -8.63 40.66
C LYS C 33 -26.17 -8.94 40.08
N PRO C 34 -25.13 -8.29 40.62
CA PRO C 34 -23.78 -8.57 40.12
C PRO C 34 -23.42 -10.06 40.13
N GLY C 35 -22.77 -10.58 39.10
CA GLY C 35 -22.33 -11.98 39.06
C GLY C 35 -23.23 -13.00 38.42
N VAL C 36 -24.53 -12.76 38.37
CA VAL C 36 -25.44 -13.62 37.59
C VAL C 36 -25.20 -13.41 36.07
N THR C 37 -25.29 -14.48 35.27
CA THR C 37 -25.07 -14.37 33.83
C THR C 37 -26.35 -14.05 33.02
N THR C 38 -26.18 -13.41 31.87
CA THR C 38 -27.34 -13.17 31.04
C THR C 38 -27.99 -14.52 30.61
N GLU C 39 -27.22 -15.58 30.37
CA GLU C 39 -27.83 -16.88 30.03
C GLU C 39 -28.67 -17.49 31.16
N GLU C 40 -28.29 -17.28 32.45
CA GLU C 40 -29.15 -17.75 33.51
C GLU C 40 -30.48 -16.99 33.47
N LEU C 41 -30.43 -15.68 33.24
CA LEU C 41 -31.65 -14.83 33.17
C LEU C 41 -32.52 -15.29 32.04
N ASP C 42 -31.87 -15.61 30.93
CA ASP C 42 -32.53 -16.18 29.77
C ASP C 42 -33.28 -17.45 30.15
N ARG C 43 -32.54 -18.34 30.75
CA ARG C 43 -33.09 -19.64 31.14
C ARG C 43 -34.28 -19.44 32.10
N ILE C 44 -34.12 -18.54 33.07
CA ILE C 44 -35.21 -18.30 34.03
C ILE C 44 -36.43 -17.75 33.31
N CYS C 45 -36.23 -16.84 32.34
CA CYS C 45 -37.33 -16.24 31.58
C CYS C 45 -38.04 -17.29 30.69
N HIS C 46 -37.25 -18.08 29.96
CA HIS C 46 -37.75 -19.13 29.13
C HIS C 46 -38.72 -20.07 29.87
N ASP C 47 -38.33 -20.54 31.05
CA ASP C 47 -39.09 -21.52 31.83
C ASP C 47 -40.34 -20.93 32.39
N TYR C 48 -40.23 -19.72 32.93
CA TYR C 48 -41.41 -19.01 33.37
C TYR C 48 -42.40 -18.81 32.24
N ILE C 49 -41.92 -18.39 31.09
CA ILE C 49 -42.86 -18.13 29.96
C ILE C 49 -43.55 -19.45 29.50
N VAL C 50 -42.75 -20.47 29.31
CA VAL C 50 -43.23 -21.74 28.76
C VAL C 50 -44.05 -22.56 29.77
N ASN C 51 -43.51 -22.77 30.98
CA ASN C 51 -44.17 -23.59 31.98
C ASN C 51 -45.23 -22.85 32.79
N GLU C 52 -45.00 -21.61 33.23
CA GLU C 52 -45.94 -20.94 34.11
C GLU C 52 -46.97 -20.14 33.40
N GLN C 53 -46.60 -19.49 32.29
CA GLN C 53 -47.50 -18.66 31.51
C GLN C 53 -48.19 -19.47 30.40
N LYS C 54 -47.69 -20.66 30.08
CA LYS C 54 -48.19 -21.39 28.94
C LYS C 54 -48.14 -20.52 27.72
N ALA C 55 -46.98 -19.91 27.48
CA ALA C 55 -46.82 -19.07 26.31
C ALA C 55 -45.51 -19.44 25.58
N ILE C 56 -45.12 -18.64 24.63
CA ILE C 56 -43.91 -18.87 23.90
C ILE C 56 -43.04 -17.59 23.82
N PRO C 57 -41.72 -17.71 24.08
CA PRO C 57 -40.85 -16.58 23.82
C PRO C 57 -40.58 -16.39 22.33
N ALA C 58 -41.19 -15.33 21.82
CA ALA C 58 -41.14 -14.94 20.42
C ALA C 58 -39.74 -14.79 19.79
N PRO C 59 -38.74 -14.33 20.56
CA PRO C 59 -37.36 -14.20 19.93
C PRO C 59 -36.66 -15.50 19.59
N LEU C 60 -37.08 -16.60 20.21
CA LEU C 60 -36.38 -17.85 20.08
C LEU C 60 -36.54 -18.35 18.68
N ASN C 61 -35.38 -18.57 18.05
CA ASN C 61 -35.24 -18.99 16.64
C ASN C 61 -35.85 -18.03 15.66
N TYR C 62 -36.15 -16.85 16.12
CA TYR C 62 -36.72 -15.90 15.21
C TYR C 62 -35.64 -15.26 14.35
N LYS C 63 -35.67 -15.56 13.06
CA LYS C 63 -34.61 -15.19 12.12
C LYS C 63 -33.22 -15.58 12.60
N GLY C 64 -33.14 -16.74 13.26
CA GLY C 64 -31.87 -17.27 13.76
C GLY C 64 -31.40 -16.82 15.16
N PHE C 65 -32.14 -15.95 15.81
CA PHE C 65 -31.79 -15.48 17.11
C PHE C 65 -31.87 -16.71 18.02
N PRO C 66 -30.79 -16.99 18.79
CA PRO C 66 -30.69 -18.31 19.40
C PRO C 66 -31.22 -18.38 20.84
N LYS C 67 -31.76 -17.28 21.35
CA LYS C 67 -32.26 -17.26 22.72
C LYS C 67 -33.71 -16.75 22.87
N SER C 68 -34.21 -16.80 24.11
CA SER C 68 -35.59 -16.52 24.40
C SER C 68 -35.84 -15.03 24.71
N ILE C 69 -34.77 -14.29 25.09
CA ILE C 69 -34.83 -12.85 25.44
C ILE C 69 -33.58 -12.20 24.89
N CYS C 70 -33.63 -10.88 24.73
CA CYS C 70 -32.43 -10.06 24.48
C CYS C 70 -31.95 -9.35 25.77
N THR C 71 -30.64 -9.39 25.97
CA THR C 71 -30.01 -8.76 27.11
C THR C 71 -28.93 -7.86 26.58
N SER C 72 -29.17 -6.55 26.73
CA SER C 72 -28.25 -5.54 26.26
C SER C 72 -27.64 -4.75 27.42
N ILE C 73 -26.31 -4.75 27.44
CA ILE C 73 -25.53 -4.18 28.52
C ILE C 73 -24.72 -2.98 28.07
N ASN C 74 -24.78 -1.90 28.84
CA ASN C 74 -23.92 -0.75 28.65
C ASN C 74 -23.97 -0.13 27.23
N HIS C 75 -22.87 -0.16 26.52
CA HIS C 75 -22.76 0.37 25.17
C HIS C 75 -23.43 -0.50 24.10
N VAL C 76 -23.91 -1.70 24.46
CA VAL C 76 -24.79 -2.45 23.55
C VAL C 76 -26.12 -1.73 23.38
N VAL C 77 -26.55 -1.54 22.15
CA VAL C 77 -27.71 -0.71 21.89
C VAL C 77 -28.99 -1.60 21.92
N CYS C 78 -28.90 -2.71 21.24
CA CYS C 78 -29.96 -3.71 21.24
C CYS C 78 -29.47 -5.07 20.78
N HIS C 79 -30.32 -6.06 21.03
CA HIS C 79 -30.20 -7.40 20.44
C HIS C 79 -29.01 -8.17 21.00
N GLY C 80 -28.64 -7.85 22.25
CA GLY C 80 -27.57 -8.56 22.92
C GLY C 80 -28.02 -9.99 23.12
N ILE C 81 -27.10 -10.89 22.86
CA ILE C 81 -27.39 -12.31 23.01
C ILE C 81 -26.94 -12.78 24.42
N PRO C 82 -27.89 -13.23 25.25
CA PRO C 82 -27.52 -13.87 26.53
C PRO C 82 -26.35 -14.89 26.42
N ASN C 83 -25.37 -14.79 27.30
CA ASN C 83 -24.15 -15.62 27.19
C ASN C 83 -23.58 -15.85 28.61
N GLU C 84 -22.39 -16.46 28.69
CA GLU C 84 -21.67 -16.78 29.93
C GLU C 84 -21.18 -15.57 30.72
N LYS C 85 -21.16 -14.39 30.12
CA LYS C 85 -20.55 -13.26 30.79
C LYS C 85 -21.37 -12.82 32.04
N PRO C 86 -20.77 -12.77 33.22
CA PRO C 86 -21.56 -12.28 34.38
C PRO C 86 -21.86 -10.79 34.30
N LEU C 87 -23.02 -10.37 34.81
CA LEU C 87 -23.26 -8.94 34.98
C LEU C 87 -22.25 -8.46 36.02
N LYS C 88 -21.86 -7.22 35.83
CA LYS C 88 -20.87 -6.56 36.63
C LYS C 88 -21.52 -5.38 37.32
N GLU C 89 -21.17 -5.14 38.60
CA GLU C 89 -21.76 -4.00 39.34
C GLU C 89 -21.43 -2.75 38.55
N GLY C 90 -22.33 -1.79 38.42
CA GLY C 90 -22.07 -0.64 37.55
C GLY C 90 -22.70 -0.79 36.17
N ASP C 91 -23.06 -2.00 35.77
CA ASP C 91 -23.68 -2.22 34.47
C ASP C 91 -25.10 -1.70 34.48
N ILE C 92 -25.51 -1.17 33.32
CA ILE C 92 -26.95 -1.03 33.01
C ILE C 92 -27.34 -2.15 32.05
N LEU C 93 -28.49 -2.77 32.33
CA LEU C 93 -29.02 -3.83 31.48
C LEU C 93 -30.40 -3.53 31.00
N ASN C 94 -30.57 -3.65 29.69
CA ASN C 94 -31.89 -3.84 29.09
C ASN C 94 -32.25 -5.32 28.91
N VAL C 95 -33.40 -5.70 29.45
CA VAL C 95 -33.97 -7.01 29.22
C VAL C 95 -35.19 -6.80 28.33
N ASP C 96 -35.13 -7.30 27.11
CA ASP C 96 -36.22 -7.16 26.13
C ASP C 96 -36.97 -8.52 25.97
N ILE C 97 -38.27 -8.46 26.25
CA ILE C 97 -39.19 -9.61 26.31
C ILE C 97 -40.22 -9.51 25.18
N THR C 98 -40.53 -10.64 24.53
CA THR C 98 -41.70 -10.71 23.72
C THR C 98 -42.27 -12.11 23.94
N VAL C 99 -43.53 -12.11 24.32
CA VAL C 99 -44.28 -13.30 24.58
C VAL C 99 -45.41 -13.44 23.57
N ILE C 100 -45.60 -14.66 23.07
CA ILE C 100 -46.64 -14.98 22.12
C ILE C 100 -47.60 -15.83 22.96
N LYS C 101 -48.86 -15.40 23.05
CA LYS C 101 -49.91 -16.14 23.75
C LYS C 101 -51.01 -16.37 22.76
N ASP C 102 -51.16 -17.63 22.37
CA ASP C 102 -52.20 -18.07 21.45
C ASP C 102 -52.15 -17.26 20.19
N GLY C 103 -50.94 -17.00 19.69
CA GLY C 103 -50.73 -16.28 18.43
C GLY C 103 -50.70 -14.77 18.50
N TYR C 104 -50.90 -14.24 19.70
CA TYR C 104 -50.80 -12.78 19.93
C TYR C 104 -49.54 -12.34 20.70
N HIS C 105 -48.93 -11.25 20.20
CA HIS C 105 -47.63 -10.77 20.70
C HIS C 105 -47.75 -9.61 21.67
N GLY C 106 -46.99 -9.64 22.78
CA GLY C 106 -46.71 -8.50 23.66
C GLY C 106 -45.21 -8.29 23.85
N ASP C 107 -44.75 -7.05 23.66
CA ASP C 107 -43.35 -6.74 23.47
C ASP C 107 -42.97 -5.55 24.35
N THR C 108 -42.03 -5.73 25.27
CA THR C 108 -41.70 -4.67 26.23
C THR C 108 -40.32 -4.91 26.81
N SER C 109 -39.67 -3.83 27.28
CA SER C 109 -38.35 -3.96 27.86
C SER C 109 -38.17 -2.95 28.93
N LYS C 110 -37.28 -3.21 29.89
CA LYS C 110 -36.87 -2.17 30.79
C LYS C 110 -35.39 -2.15 31.11
N MET C 111 -34.93 -1.03 31.67
CA MET C 111 -33.55 -0.90 32.11
C MET C 111 -33.49 -1.38 33.55
N PHE C 112 -32.43 -2.10 33.92
CA PHE C 112 -32.10 -2.36 35.30
C PHE C 112 -30.72 -1.82 35.63
N LEU C 113 -30.58 -1.37 36.85
CA LEU C 113 -29.29 -0.93 37.40
C LEU C 113 -28.69 -2.06 38.20
N VAL C 114 -27.52 -2.50 37.81
CA VAL C 114 -26.88 -3.60 38.48
C VAL C 114 -26.00 -3.09 39.60
N GLY C 115 -26.45 -3.35 40.83
CA GLY C 115 -25.80 -2.87 42.05
C GLY C 115 -25.68 -1.39 42.00
N LYS C 116 -24.64 -0.86 42.63
CA LYS C 116 -24.37 0.57 42.54
C LYS C 116 -23.89 0.95 41.17
N THR C 117 -24.45 2.04 40.65
CA THR C 117 -24.16 2.49 39.30
C THR C 117 -23.87 4.00 39.27
N PRO C 118 -23.03 4.41 38.34
CA PRO C 118 -22.77 5.86 38.22
C PRO C 118 -23.99 6.68 37.86
N GLU C 119 -23.88 7.91 38.29
CA GLU C 119 -24.90 8.92 38.13
C GLU C 119 -25.26 9.21 36.66
N TRP C 120 -24.29 9.29 35.77
CA TRP C 120 -24.62 9.65 34.41
C TRP C 120 -25.50 8.59 33.81
N ALA C 121 -25.24 7.34 34.20
CA ALA C 121 -25.99 6.19 33.73
C ALA C 121 -27.41 6.08 34.22
N ASP C 122 -27.64 6.34 35.51
CA ASP C 122 -29.01 6.31 36.06
C ASP C 122 -29.82 7.34 35.28
N ARG C 123 -29.18 8.48 35.01
CA ARG C 123 -29.85 9.57 34.36
C ARG C 123 -30.21 9.28 32.88
N LEU C 124 -29.30 8.67 32.11
CA LEU C 124 -29.61 8.20 30.74
C LEU C 124 -30.85 7.29 30.76
N CYS C 125 -30.86 6.34 31.69
CA CYS C 125 -31.96 5.38 31.77
C CYS C 125 -33.25 6.12 32.08
N GLN C 126 -33.19 7.13 32.95
CA GLN C 126 -34.39 7.88 33.31
C GLN C 126 -34.91 8.74 32.18
N ILE C 127 -34.03 9.48 31.55
CA ILE C 127 -34.40 10.34 30.45
C ILE C 127 -34.98 9.50 29.33
N THR C 128 -34.41 8.32 29.07
CA THR C 128 -34.89 7.46 28.00
C THR C 128 -36.30 6.94 28.36
N GLN C 129 -36.51 6.64 29.65
CA GLN C 129 -37.83 6.25 30.05
C GLN C 129 -38.82 7.39 29.76
N GLU C 130 -38.45 8.62 30.15
CA GLU C 130 -39.27 9.82 29.92
C GLU C 130 -39.57 10.04 28.49
N CYS C 131 -38.60 9.80 27.65
CA CYS C 131 -38.80 9.95 26.20
C CYS C 131 -39.92 8.99 25.70
N MET C 132 -39.84 7.73 26.16
CA MET C 132 -40.86 6.73 25.79
C MET C 132 -42.26 7.21 26.25
N TYR C 133 -42.40 7.58 27.52
CA TYR C 133 -43.70 8.01 28.08
C TYR C 133 -44.26 9.20 27.29
N LYS C 134 -43.45 10.20 26.97
CA LYS C 134 -43.91 11.33 26.14
C LYS C 134 -44.33 10.90 24.75
N GLY C 135 -43.53 9.98 24.20
CA GLY C 135 -43.87 9.34 22.94
C GLY C 135 -45.25 8.69 23.07
N ILE C 136 -45.48 7.98 24.17
CA ILE C 136 -46.78 7.36 24.36
C ILE C 136 -47.87 8.42 24.46
N SER C 137 -47.58 9.49 25.20
CA SER C 137 -48.54 10.51 25.56
C SER C 137 -49.15 11.25 24.35
N VAL C 138 -48.51 11.25 23.16
CA VAL C 138 -49.12 11.94 21.98
C VAL C 138 -49.97 11.00 21.09
N VAL C 139 -50.16 9.77 21.55
CA VAL C 139 -50.88 8.76 20.79
C VAL C 139 -52.40 8.93 20.99
N ARG C 140 -53.07 9.20 19.88
CA ARG C 140 -54.54 9.25 19.79
C ARG C 140 -54.93 9.20 18.34
N PRO C 141 -56.22 8.98 18.05
CA PRO C 141 -56.56 9.06 16.62
C PRO C 141 -56.37 10.49 16.06
N GLY C 142 -55.95 10.60 14.82
CA GLY C 142 -55.58 11.88 14.23
C GLY C 142 -54.16 12.33 14.47
N ALA C 143 -53.52 11.88 15.57
CA ALA C 143 -52.08 12.17 15.76
C ALA C 143 -51.37 11.57 14.55
N HIS C 144 -50.18 12.06 14.25
CA HIS C 144 -49.37 11.48 13.21
C HIS C 144 -48.16 10.76 13.84
N LEU C 145 -47.58 9.80 13.12
CA LEU C 145 -46.42 9.06 13.64
C LEU C 145 -45.24 9.98 13.98
N GLY C 146 -44.98 10.92 13.09
CA GLY C 146 -43.99 11.95 13.28
C GLY C 146 -44.08 12.59 14.63
N ASP C 147 -45.29 12.77 15.17
CA ASP C 147 -45.43 13.39 16.48
C ASP C 147 -44.65 12.63 17.52
N ILE C 148 -44.69 11.31 17.43
CA ILE C 148 -43.99 10.43 18.36
C ILE C 148 -42.49 10.63 18.31
N GLY C 149 -41.93 10.67 17.10
CA GLY C 149 -40.51 10.88 16.88
C GLY C 149 -40.01 12.25 17.35
N GLU C 150 -40.75 13.28 16.98
CA GLU C 150 -40.37 14.61 17.39
C GLU C 150 -40.28 14.78 18.89
N ILE C 151 -41.29 14.33 19.62
CA ILE C 151 -41.28 14.62 21.03
C ILE C 151 -40.22 13.80 21.78
N ILE C 152 -40.00 12.54 21.36
CA ILE C 152 -38.89 11.78 21.92
C ILE C 152 -37.56 12.50 21.58
N GLN C 153 -37.41 12.94 20.34
CA GLN C 153 -36.16 13.52 19.88
C GLN C 153 -35.84 14.83 20.58
N LYS C 154 -36.85 15.66 20.81
CA LYS C 154 -36.67 16.95 21.49
C LYS C 154 -36.22 16.76 22.93
N HIS C 155 -36.81 15.79 23.62
CA HIS C 155 -36.41 15.53 24.99
C HIS C 155 -35.00 14.93 25.12
N ALA C 156 -34.69 13.91 24.32
CA ALA C 156 -33.33 13.36 24.23
C ALA C 156 -32.28 14.48 24.01
N GLU C 157 -32.49 15.28 22.97
CA GLU C 157 -31.52 16.31 22.55
C GLU C 157 -31.39 17.43 23.56
N LYS C 158 -32.49 17.86 24.18
CA LYS C 158 -32.35 18.85 25.27
C LYS C 158 -31.43 18.35 26.37
N ASN C 159 -31.44 17.05 26.60
CA ASN C 159 -30.57 16.48 27.61
C ASN C 159 -29.15 16.07 27.21
N GLY C 160 -28.72 16.48 26.01
CA GLY C 160 -27.38 16.17 25.51
C GLY C 160 -27.16 14.79 24.93
N PHE C 161 -28.24 14.06 24.75
CA PHE C 161 -28.20 12.65 24.27
C PHE C 161 -28.70 12.59 22.82
N SER C 162 -28.47 11.47 22.16
CA SER C 162 -28.80 11.37 20.76
C SER C 162 -29.73 10.13 20.50
N VAL C 163 -30.60 10.25 19.52
CA VAL C 163 -31.53 9.18 19.13
C VAL C 163 -30.93 8.27 18.05
N VAL C 164 -31.04 6.96 18.29
CA VAL C 164 -30.57 5.95 17.33
C VAL C 164 -31.53 5.92 16.20
N ARG C 165 -31.01 5.98 14.99
CA ARG C 165 -31.83 6.11 13.75
C ARG C 165 -32.06 4.80 13.00
N GLU C 166 -31.16 3.85 13.10
CA GLU C 166 -31.21 2.62 12.30
C GLU C 166 -32.18 1.55 12.86
N TYR C 167 -32.71 1.72 14.06
CA TYR C 167 -33.68 0.76 14.60
C TYR C 167 -34.92 1.51 14.97
N CYS C 168 -36.06 0.82 15.00
CA CYS C 168 -37.29 1.49 15.25
C CYS C 168 -38.36 0.58 15.86
N GLY C 169 -39.41 1.18 16.42
CA GLY C 169 -40.63 0.45 16.85
C GLY C 169 -41.39 -0.01 15.61
N HIS C 170 -42.54 -0.67 15.80
CA HIS C 170 -43.10 -1.47 14.71
C HIS C 170 -44.51 -1.82 15.09
N GLY C 171 -45.38 -1.97 14.07
CA GLY C 171 -46.73 -2.53 14.35
C GLY C 171 -46.51 -3.93 14.93
N ILE C 172 -47.44 -4.42 15.70
CA ILE C 172 -47.28 -5.76 16.28
C ILE C 172 -48.68 -6.34 16.54
N GLY C 173 -48.87 -7.62 16.31
CA GLY C 173 -50.18 -8.21 16.67
C GLY C 173 -50.13 -9.69 16.72
N LYS C 174 -50.70 -10.31 15.70
CA LYS C 174 -50.56 -11.76 15.54
C LYS C 174 -49.24 -12.02 14.83
N VAL C 175 -48.60 -10.96 14.36
CA VAL C 175 -47.23 -11.07 13.90
C VAL C 175 -46.39 -10.19 14.80
N PHE C 176 -45.10 -10.53 14.87
CA PHE C 176 -44.18 -9.90 15.81
C PHE C 176 -43.85 -8.47 15.27
N HIS C 177 -43.47 -8.39 14.00
CA HIS C 177 -43.09 -7.14 13.29
C HIS C 177 -43.99 -6.88 12.07
N GLU C 178 -44.81 -5.83 12.16
CA GLU C 178 -45.61 -5.40 11.02
C GLU C 178 -45.53 -3.88 10.86
N GLU C 179 -46.20 -3.42 9.81
CA GLU C 179 -46.29 -2.03 9.53
C GLU C 179 -47.02 -1.35 10.68
N PRO C 180 -46.64 -0.11 11.00
CA PRO C 180 -45.59 0.71 10.41
C PRO C 180 -44.32 0.68 11.21
N GLN C 181 -43.28 1.23 10.56
CA GLN C 181 -42.02 1.58 11.18
C GLN C 181 -42.25 2.80 12.08
N VAL C 182 -42.08 2.62 13.40
CA VAL C 182 -42.18 3.73 14.38
C VAL C 182 -40.80 4.36 14.70
N LEU C 183 -40.46 5.43 13.97
CA LEU C 183 -39.20 6.18 14.16
C LEU C 183 -39.22 7.02 15.43
N HIS C 184 -38.11 7.12 16.16
CA HIS C 184 -38.06 7.85 17.44
C HIS C 184 -37.42 9.25 17.27
N TYR C 185 -37.31 9.65 16.02
CA TYR C 185 -36.87 10.98 15.64
C TYR C 185 -37.85 11.44 14.57
N GLY C 186 -38.03 12.75 14.42
CA GLY C 186 -38.70 13.33 13.25
C GLY C 186 -39.46 14.62 13.48
N ARG C 187 -40.35 14.94 12.55
CA ARG C 187 -41.06 16.22 12.52
C ARG C 187 -42.54 15.93 12.80
N ALA C 188 -43.14 16.71 13.68
CA ALA C 188 -44.59 16.57 14.01
C ALA C 188 -45.48 16.79 12.78
N GLY C 189 -46.61 16.07 12.76
CA GLY C 189 -47.51 16.02 11.61
C GLY C 189 -46.97 15.34 10.35
N THR C 190 -45.85 14.66 10.44
CA THR C 190 -45.43 13.81 9.33
C THR C 190 -45.90 12.36 9.55
N GLY C 191 -45.85 11.58 8.50
CA GLY C 191 -46.08 10.17 8.59
C GLY C 191 -47.56 9.83 8.70
N ILE C 192 -47.82 8.54 8.75
CA ILE C 192 -49.19 8.08 8.61
C ILE C 192 -49.97 8.55 9.80
N GLU C 193 -51.28 8.60 9.62
CA GLU C 193 -52.18 9.06 10.64
C GLU C 193 -52.73 7.91 11.49
N LEU C 194 -52.58 8.06 12.79
CA LEU C 194 -53.07 7.09 13.75
C LEU C 194 -54.62 6.93 13.76
N LYS C 195 -55.07 5.69 13.97
CA LYS C 195 -56.48 5.32 13.95
C LYS C 195 -56.74 4.32 15.04
N GLU C 196 -57.90 4.45 15.68
CA GLU C 196 -58.26 3.56 16.74
C GLU C 196 -58.17 2.07 16.27
N GLY C 197 -57.64 1.21 17.15
CA GLY C 197 -57.41 -0.17 16.79
C GLY C 197 -56.02 -0.47 16.27
N MET C 198 -55.24 0.53 15.91
CA MET C 198 -53.83 0.25 15.59
C MET C 198 -53.04 -0.08 16.87
N ILE C 199 -52.12 -1.04 16.74
CA ILE C 199 -51.20 -1.41 17.82
C ILE C 199 -49.77 -1.44 17.30
N PHE C 200 -48.90 -0.72 18.01
CA PHE C 200 -47.49 -0.69 17.69
C PHE C 200 -46.64 -0.48 18.99
N THR C 201 -45.32 -0.61 18.84
CA THR C 201 -44.39 -0.48 19.96
C THR C 201 -43.80 0.93 19.88
N ILE C 202 -43.53 1.51 21.03
CA ILE C 202 -42.59 2.63 21.15
C ILE C 202 -41.36 2.13 21.97
N GLU C 203 -40.15 2.22 21.39
CA GLU C 203 -38.98 1.48 21.90
C GLU C 203 -37.68 2.27 21.64
N PRO C 204 -37.66 3.56 22.08
CA PRO C 204 -36.55 4.46 21.80
C PRO C 204 -35.23 3.95 22.43
N MET C 205 -34.23 3.89 21.58
CA MET C 205 -32.86 3.71 21.98
C MET C 205 -32.17 5.09 21.97
N ILE C 206 -31.68 5.47 23.14
CA ILE C 206 -31.03 6.74 23.34
C ILE C 206 -29.58 6.53 23.76
N ASN C 207 -28.67 7.20 23.05
CA ASN C 207 -27.25 7.10 23.34
C ASN C 207 -26.73 8.32 24.09
N GLN C 208 -25.81 8.04 25.02
CA GLN C 208 -25.10 9.05 25.77
C GLN C 208 -24.24 10.00 24.89
N GLY C 209 -23.68 9.52 23.79
CA GLY C 209 -22.93 10.38 22.91
C GLY C 209 -23.58 10.43 21.56
N ARG C 210 -22.82 10.01 20.54
CA ARG C 210 -23.30 10.04 19.16
C ARG C 210 -24.31 8.94 18.82
N PRO C 211 -25.18 9.21 17.86
CA PRO C 211 -26.23 8.27 17.44
C PRO C 211 -25.76 6.97 16.75
N GLU C 212 -24.60 6.98 16.10
CA GLU C 212 -24.27 5.86 15.19
C GLU C 212 -23.96 4.57 15.95
N THR C 213 -24.39 3.46 15.33
CA THR C 213 -24.18 2.11 15.81
C THR C 213 -23.26 1.32 14.86
N ARG C 214 -22.61 0.28 15.38
CA ARG C 214 -22.03 -0.76 14.57
C ARG C 214 -22.39 -2.16 15.11
N LEU C 215 -22.36 -3.12 14.19
CA LEU C 215 -22.81 -4.47 14.42
C LEU C 215 -21.58 -5.26 14.80
N LEU C 216 -21.66 -6.12 15.80
CA LEU C 216 -20.50 -6.97 16.17
C LEU C 216 -20.49 -8.19 15.23
N GLY C 217 -19.37 -8.90 15.19
CA GLY C 217 -19.24 -10.08 14.30
C GLY C 217 -20.41 -11.06 14.35
N ASP C 218 -21.02 -11.25 15.52
CA ASP C 218 -22.13 -12.20 15.59
C ASP C 218 -23.36 -11.86 14.70
N GLY C 219 -23.38 -10.69 14.06
CA GLY C 219 -24.48 -10.31 13.16
C GLY C 219 -25.75 -9.84 13.86
N TRP C 220 -25.71 -9.84 15.21
CA TRP C 220 -26.87 -9.39 16.01
C TRP C 220 -26.58 -8.20 16.93
N THR C 221 -25.40 -8.20 17.54
CA THR C 221 -25.18 -7.31 18.66
C THR C 221 -24.72 -5.98 18.13
N ALA C 222 -25.57 -4.98 18.34
CA ALA C 222 -25.31 -3.61 17.94
C ALA C 222 -24.74 -2.87 19.12
N ILE C 223 -23.66 -2.12 18.89
CA ILE C 223 -23.09 -1.24 19.90
C ILE C 223 -22.98 0.19 19.43
N THR C 224 -22.71 1.08 20.38
CA THR C 224 -22.46 2.44 20.03
C THR C 224 -21.09 2.48 19.38
N LYS C 225 -21.02 3.21 18.29
CA LYS C 225 -19.74 3.36 17.61
C LYS C 225 -18.75 4.10 18.47
N ASP C 226 -19.18 5.07 19.25
CA ASP C 226 -18.20 5.75 20.16
C ASP C 226 -18.09 4.99 21.50
N ARG C 227 -18.76 3.84 21.64
CA ARG C 227 -18.60 3.03 22.86
C ARG C 227 -19.21 3.64 24.14
N LYS C 228 -19.99 4.69 23.99
CA LYS C 228 -20.68 5.23 25.11
C LYS C 228 -21.99 4.49 25.39
N LEU C 229 -22.54 4.79 26.54
CA LEU C 229 -23.76 4.12 26.98
C LEU C 229 -24.95 4.35 26.06
N SER C 230 -25.81 3.35 26.03
CA SER C 230 -27.09 3.42 25.32
C SER C 230 -28.17 2.81 26.16
N ALA C 231 -29.34 3.44 26.26
CA ALA C 231 -30.44 2.83 26.98
C ALA C 231 -31.71 2.75 26.11
N GLN C 232 -32.60 1.85 26.55
CA GLN C 232 -33.83 1.58 25.89
C GLN C 232 -34.93 1.14 26.86
N TRP C 233 -36.13 1.60 26.59
CA TRP C 233 -37.32 1.10 27.26
C TRP C 233 -38.36 0.94 26.15
N GLU C 234 -39.31 0.02 26.33
CA GLU C 234 -40.30 -0.27 25.29
C GLU C 234 -41.67 -0.68 25.88
N HIS C 235 -42.72 -0.19 25.20
CA HIS C 235 -44.07 -0.68 25.40
C HIS C 235 -44.82 -0.93 24.13
N THR C 236 -45.78 -1.82 24.27
CA THR C 236 -46.74 -2.08 23.24
C THR C 236 -47.97 -1.23 23.48
N VAL C 237 -48.33 -0.46 22.46
CA VAL C 237 -49.36 0.60 22.64
C VAL C 237 -50.57 0.40 21.71
N LEU C 238 -51.76 0.41 22.28
CA LEU C 238 -53.05 0.42 21.51
C LEU C 238 -53.52 1.87 21.30
N VAL C 239 -53.93 2.20 20.09
CA VAL C 239 -54.69 3.45 19.88
C VAL C 239 -56.19 3.19 20.16
N THR C 240 -56.76 3.95 21.10
CA THR C 240 -58.17 3.87 21.47
C THR C 240 -59.01 5.04 20.88
N ALA C 241 -60.29 5.02 21.27
CA ALA C 241 -61.26 6.08 21.03
C ALA C 241 -60.66 7.40 21.47
N ASP C 242 -60.28 7.44 22.75
CA ASP C 242 -59.84 8.67 23.43
C ASP C 242 -58.38 9.03 23.25
N GLY C 243 -57.52 8.02 23.21
CA GLY C 243 -56.08 8.26 23.09
C GLY C 243 -55.27 6.99 23.01
N TYR C 244 -54.71 6.57 24.15
CA TYR C 244 -53.79 5.44 24.15
C TYR C 244 -54.12 4.48 25.29
N GLU C 245 -53.77 3.21 25.08
CA GLU C 245 -53.67 2.19 26.15
C GLU C 245 -52.30 1.43 26.02
N ILE C 246 -51.58 1.39 27.14
CA ILE C 246 -50.28 0.72 27.20
C ILE C 246 -50.57 -0.74 27.57
N LEU C 247 -50.46 -1.63 26.59
CA LEU C 247 -50.79 -3.04 26.87
C LEU C 247 -49.84 -3.73 27.81
N THR C 248 -48.61 -3.23 27.89
CA THR C 248 -47.55 -3.87 28.68
C THR C 248 -47.14 -3.17 30.00
N LEU C 249 -48.07 -2.40 30.54
CA LEU C 249 -47.81 -1.64 31.76
C LEU C 249 -47.57 -2.60 32.90
N ARG C 250 -46.54 -2.33 33.72
CA ARG C 250 -46.21 -3.12 34.92
C ARG C 250 -46.82 -2.43 36.11
N ASN C 251 -46.79 -3.12 37.25
CA ASN C 251 -47.48 -2.68 38.46
C ASN C 251 -46.59 -1.76 39.25
N ASP C 252 -45.30 -1.74 38.91
CA ASP C 252 -44.34 -0.85 39.57
C ASP C 252 -44.36 0.51 38.88
N GLU C 253 -45.09 0.66 37.78
CA GLU C 253 -45.08 1.91 37.00
C GLU C 253 -46.17 2.87 37.50
N THR C 254 -45.91 4.17 37.40
CA THR C 254 -46.84 5.18 37.93
C THR C 254 -47.61 5.92 36.82
N PHE C 255 -47.04 5.93 35.63
CA PHE C 255 -47.66 6.53 34.43
C PHE C 255 -49.05 5.91 34.23
N PRO C 256 -50.01 6.74 33.80
CA PRO C 256 -51.37 6.20 33.71
C PRO C 256 -51.50 5.20 32.55
N ARG C 257 -52.09 4.04 32.88
CA ARG C 257 -52.42 2.98 31.91
C ARG C 257 -53.05 3.45 30.58
N THR C 258 -53.98 4.41 30.67
CA THR C 258 -54.77 4.89 29.51
C THR C 258 -54.88 6.42 29.54
N SER C 259 -55.44 7.02 28.48
CA SER C 259 -55.66 8.47 28.45
C SER C 259 -57.10 8.76 28.92
N ASN D 2 -1.17 -17.00 -13.96
CA ASN D 2 0.01 -17.24 -14.83
C ASN D 2 -0.11 -16.58 -16.24
N VAL D 3 1.04 -16.12 -16.74
CA VAL D 3 1.13 -15.25 -17.89
C VAL D 3 1.38 -16.00 -19.18
N THR D 4 0.42 -15.95 -20.10
CA THR D 4 0.50 -16.65 -21.38
C THR D 4 1.64 -16.10 -22.26
N ILE D 5 2.01 -16.86 -23.27
CA ILE D 5 3.06 -16.46 -24.17
C ILE D 5 2.43 -16.65 -25.53
N LYS D 6 2.22 -15.56 -26.24
CA LYS D 6 1.50 -15.63 -27.50
C LYS D 6 2.43 -16.28 -28.55
N THR D 7 1.83 -17.07 -29.44
CA THR D 7 2.52 -17.74 -30.56
C THR D 7 2.63 -16.79 -31.77
N PRO D 8 3.41 -17.16 -32.78
CA PRO D 8 3.52 -16.32 -33.98
C PRO D 8 2.20 -15.89 -34.63
N ASP D 9 1.29 -16.84 -34.78
CA ASP D 9 -0.05 -16.60 -35.29
C ASP D 9 -0.87 -15.70 -34.33
N ASP D 10 -0.83 -15.96 -33.03
CA ASP D 10 -1.45 -15.10 -32.00
C ASP D 10 -0.96 -13.68 -32.12
N ILE D 11 0.34 -13.53 -32.29
CA ILE D 11 0.93 -12.20 -32.43
C ILE D 11 0.41 -11.45 -33.65
N GLU D 12 0.34 -12.12 -34.81
CA GLU D 12 -0.20 -11.50 -36.04
C GLU D 12 -1.66 -11.04 -35.84
N LYS D 13 -2.44 -11.83 -35.14
CA LYS D 13 -3.83 -11.49 -34.86
C LYS D 13 -3.92 -10.31 -33.88
N MET D 14 -3.03 -10.30 -32.89
CA MET D 14 -2.89 -9.16 -32.00
C MET D 14 -2.44 -7.94 -32.77
N ARG D 15 -1.52 -8.09 -33.73
CA ARG D 15 -1.10 -6.93 -34.53
C ARG D 15 -2.27 -6.32 -35.27
N ILE D 16 -3.16 -7.16 -35.79
CA ILE D 16 -4.35 -6.73 -36.54
C ILE D 16 -5.31 -6.00 -35.60
N ALA D 17 -5.59 -6.58 -34.47
CA ALA D 17 -6.46 -5.93 -33.47
C ALA D 17 -5.93 -4.59 -32.91
N GLY D 18 -4.62 -4.51 -32.75
CA GLY D 18 -4.01 -3.30 -32.23
C GLY D 18 -4.12 -2.13 -33.20
N ARG D 19 -3.91 -2.42 -34.48
CA ARG D 19 -3.96 -1.46 -35.55
C ARG D 19 -5.39 -0.93 -35.64
N LEU D 20 -6.37 -1.82 -35.60
CA LEU D 20 -7.77 -1.48 -35.61
C LEU D 20 -8.12 -0.56 -34.41
N ALA D 21 -7.67 -0.88 -33.20
CA ALA D 21 -7.94 -0.04 -32.04
C ALA D 21 -7.31 1.37 -32.25
N ALA D 22 -6.08 1.39 -32.73
CA ALA D 22 -5.39 2.64 -33.07
C ALA D 22 -6.16 3.45 -34.07
N GLU D 23 -6.67 2.81 -35.13
CA GLU D 23 -7.47 3.53 -36.15
C GLU D 23 -8.79 4.12 -35.65
N VAL D 24 -9.39 3.54 -34.60
CA VAL D 24 -10.60 4.13 -33.99
C VAL D 24 -10.23 5.49 -33.42
N LEU D 25 -9.09 5.53 -32.75
CA LEU D 25 -8.62 6.80 -32.12
C LEU D 25 -8.26 7.86 -33.16
N GLU D 26 -7.66 7.42 -34.26
CA GLU D 26 -7.28 8.35 -35.28
C GLU D 26 -8.57 8.83 -35.90
N MET D 27 -9.54 7.92 -36.13
CA MET D 27 -10.80 8.35 -36.76
C MET D 27 -11.58 9.37 -35.92
N ILE D 28 -11.74 9.08 -34.63
CA ILE D 28 -12.59 9.86 -33.73
C ILE D 28 -12.04 11.28 -33.44
N GLY D 29 -10.73 11.47 -33.63
CA GLY D 29 -10.06 12.76 -33.40
C GLY D 29 -10.77 13.88 -34.16
N GLU D 30 -11.16 13.59 -35.40
CA GLU D 30 -11.77 14.54 -36.30
C GLU D 30 -13.17 14.93 -35.88
N HIS D 31 -13.86 14.13 -35.07
CA HIS D 31 -15.22 14.49 -34.58
C HIS D 31 -15.21 15.23 -33.23
N ILE D 32 -14.02 15.45 -32.66
CA ILE D 32 -13.93 16.00 -31.29
C ILE D 32 -13.80 17.52 -31.31
N LYS D 33 -14.77 18.19 -30.71
CA LYS D 33 -14.85 19.65 -30.69
C LYS D 33 -15.96 20.08 -29.71
N PRO D 34 -15.95 21.36 -29.30
CA PRO D 34 -16.92 21.74 -28.25
C PRO D 34 -18.34 21.56 -28.76
N GLY D 35 -19.30 21.18 -27.93
CA GLY D 35 -20.65 20.95 -28.37
C GLY D 35 -21.00 19.50 -28.63
N VAL D 36 -20.07 18.68 -29.13
CA VAL D 36 -20.36 17.26 -29.36
C VAL D 36 -20.45 16.55 -28.01
N THR D 37 -21.38 15.61 -27.91
CA THR D 37 -21.57 14.88 -26.68
C THR D 37 -20.76 13.60 -26.74
N THR D 38 -20.43 13.13 -25.56
CA THR D 38 -19.67 11.90 -25.41
C THR D 38 -20.47 10.67 -25.88
N GLU D 39 -21.80 10.64 -25.68
CA GLU D 39 -22.63 9.54 -26.25
C GLU D 39 -22.64 9.55 -27.79
N GLU D 40 -22.57 10.73 -28.40
CA GLU D 40 -22.45 10.84 -29.85
C GLU D 40 -21.11 10.22 -30.31
N LEU D 41 -20.06 10.46 -29.55
CA LEU D 41 -18.77 9.89 -29.89
C LEU D 41 -18.79 8.39 -29.69
N ASP D 42 -19.41 7.94 -28.62
CA ASP D 42 -19.66 6.52 -28.44
C ASP D 42 -20.37 5.90 -29.61
N ARG D 43 -21.38 6.60 -30.13
CA ARG D 43 -22.18 6.06 -31.24
C ARG D 43 -21.30 5.87 -32.47
N ILE D 44 -20.48 6.89 -32.70
CA ILE D 44 -19.64 6.98 -33.90
C ILE D 44 -18.55 5.90 -33.87
N CYS D 45 -18.02 5.66 -32.66
CA CYS D 45 -17.00 4.66 -32.48
C CYS D 45 -17.62 3.28 -32.62
N HIS D 46 -18.72 3.05 -31.91
CA HIS D 46 -19.52 1.83 -32.07
C HIS D 46 -19.73 1.44 -33.54
N ASP D 47 -20.27 2.33 -34.35
CA ASP D 47 -20.64 1.99 -35.71
C ASP D 47 -19.38 1.75 -36.55
N TYR D 48 -18.37 2.58 -36.35
CA TYR D 48 -17.07 2.33 -36.98
C TYR D 48 -16.54 0.90 -36.65
N ILE D 49 -16.55 0.54 -35.38
CA ILE D 49 -16.08 -0.78 -34.95
C ILE D 49 -16.88 -1.93 -35.56
N VAL D 50 -18.19 -1.90 -35.44
CA VAL D 50 -19.02 -3.02 -35.81
C VAL D 50 -19.26 -3.06 -37.32
N ASN D 51 -19.50 -1.92 -37.94
CA ASN D 51 -19.99 -1.92 -39.31
C ASN D 51 -18.85 -1.82 -40.28
N GLU D 52 -17.75 -1.13 -39.91
CA GLU D 52 -16.60 -0.95 -40.84
C GLU D 52 -15.42 -1.89 -40.60
N GLN D 53 -15.05 -2.05 -39.34
CA GLN D 53 -13.94 -2.94 -39.01
C GLN D 53 -14.34 -4.41 -38.98
N LYS D 54 -15.62 -4.67 -38.75
CA LYS D 54 -16.14 -6.01 -38.51
C LYS D 54 -15.51 -6.57 -37.24
N ALA D 55 -15.49 -5.74 -36.22
CA ALA D 55 -14.90 -6.09 -34.95
C ALA D 55 -15.96 -5.88 -33.85
N ILE D 56 -15.59 -6.06 -32.57
CA ILE D 56 -16.52 -5.85 -31.46
C ILE D 56 -15.93 -4.88 -30.45
N PRO D 57 -16.73 -3.94 -29.92
CA PRO D 57 -16.27 -3.04 -28.84
C PRO D 57 -16.25 -3.77 -27.53
N ALA D 58 -15.07 -4.22 -27.12
CA ALA D 58 -14.91 -5.02 -25.84
C ALA D 58 -15.56 -4.46 -24.59
N PRO D 59 -15.61 -3.11 -24.42
CA PRO D 59 -16.18 -2.64 -23.19
C PRO D 59 -17.68 -2.89 -23.05
N LEU D 60 -18.39 -3.10 -24.17
CA LEU D 60 -19.85 -3.09 -24.18
C LEU D 60 -20.34 -4.30 -23.43
N ASN D 61 -21.08 -4.04 -22.37
CA ASN D 61 -21.65 -5.03 -21.46
C ASN D 61 -20.59 -5.80 -20.69
N TYR D 62 -19.35 -5.30 -20.71
CA TYR D 62 -18.29 -5.96 -19.93
C TYR D 62 -18.46 -5.60 -18.44
N LYS D 63 -18.82 -6.62 -17.67
CA LYS D 63 -19.23 -6.51 -16.26
C LYS D 63 -20.22 -5.43 -16.09
N GLY D 64 -21.23 -5.38 -16.96
CA GLY D 64 -22.26 -4.37 -16.86
C GLY D 64 -21.94 -3.03 -17.47
N PHE D 65 -20.71 -2.78 -17.89
CA PHE D 65 -20.44 -1.47 -18.50
C PHE D 65 -21.41 -1.22 -19.66
N PRO D 66 -22.08 -0.04 -19.69
CA PRO D 66 -23.20 0.18 -20.61
C PRO D 66 -22.88 0.75 -21.99
N LYS D 67 -21.63 1.03 -22.33
CA LYS D 67 -21.33 1.62 -23.63
C LYS D 67 -20.11 0.93 -24.23
N SER D 68 -19.72 1.41 -25.39
CA SER D 68 -18.75 0.73 -26.20
C SER D 68 -17.33 1.28 -26.03
N ILE D 69 -17.26 2.50 -25.47
CA ILE D 69 -16.03 3.18 -25.17
C ILE D 69 -16.08 3.87 -23.82
N CYS D 70 -14.92 4.26 -23.29
CA CYS D 70 -14.84 5.10 -22.13
C CYS D 70 -14.38 6.46 -22.49
N THR D 71 -15.05 7.45 -21.86
CA THR D 71 -14.85 8.88 -22.10
C THR D 71 -14.71 9.59 -20.74
N SER D 72 -13.48 10.03 -20.46
CA SER D 72 -13.18 10.59 -19.14
C SER D 72 -12.76 12.02 -19.26
N ILE D 73 -13.43 12.91 -18.57
CA ILE D 73 -13.25 14.35 -18.77
C ILE D 73 -12.68 15.00 -17.51
N ASN D 74 -11.62 15.80 -17.69
CA ASN D 74 -11.07 16.63 -16.60
C ASN D 74 -10.67 15.89 -15.31
N HIS D 75 -11.45 16.00 -14.23
CA HIS D 75 -11.16 15.32 -12.96
C HIS D 75 -11.50 13.84 -12.93
N VAL D 76 -12.25 13.36 -13.93
CA VAL D 76 -12.61 11.92 -13.98
C VAL D 76 -11.28 11.26 -14.33
N VAL D 77 -10.93 10.22 -13.61
CA VAL D 77 -9.69 9.51 -13.76
C VAL D 77 -9.76 8.42 -14.85
N CYS D 78 -10.81 7.63 -14.79
CA CYS D 78 -10.99 6.52 -15.72
C CYS D 78 -12.40 6.06 -15.71
N HIS D 79 -12.70 5.26 -16.73
CA HIS D 79 -13.95 4.53 -16.88
C HIS D 79 -15.20 5.44 -16.95
N GLY D 80 -15.06 6.66 -17.42
CA GLY D 80 -16.23 7.51 -17.62
C GLY D 80 -17.21 6.99 -18.69
N ILE D 81 -18.51 7.21 -18.43
CA ILE D 81 -19.57 6.68 -19.18
C ILE D 81 -20.11 7.73 -20.10
N PRO D 82 -20.04 7.47 -21.44
CA PRO D 82 -20.53 8.42 -22.45
C PRO D 82 -21.97 8.83 -22.15
N ASN D 83 -22.26 10.09 -22.40
CA ASN D 83 -23.55 10.63 -22.00
C ASN D 83 -23.87 11.88 -22.75
N GLU D 84 -25.00 12.47 -22.37
CA GLU D 84 -25.60 13.55 -23.12
C GLU D 84 -24.92 14.88 -22.88
N LYS D 85 -23.94 14.93 -21.98
CA LYS D 85 -23.32 16.24 -21.72
C LYS D 85 -22.35 16.62 -22.82
N PRO D 86 -22.42 17.90 -23.28
CA PRO D 86 -21.55 18.35 -24.35
C PRO D 86 -20.15 18.60 -23.84
N LEU D 87 -19.16 18.40 -24.71
CA LEU D 87 -17.83 18.80 -24.39
C LEU D 87 -17.74 20.33 -24.44
N LYS D 88 -17.01 20.88 -23.46
CA LYS D 88 -16.84 22.33 -23.32
C LYS D 88 -15.45 22.76 -23.72
N GLU D 89 -15.36 23.97 -24.25
CA GLU D 89 -14.05 24.58 -24.53
C GLU D 89 -13.16 24.50 -23.27
N GLY D 90 -11.92 24.06 -23.41
CA GLY D 90 -11.06 23.84 -22.27
C GLY D 90 -11.06 22.48 -21.59
N ASP D 91 -12.02 21.60 -21.92
CA ASP D 91 -11.98 20.25 -21.38
C ASP D 91 -10.75 19.48 -21.87
N ILE D 92 -10.23 18.54 -21.04
CA ILE D 92 -9.39 17.45 -21.55
C ILE D 92 -10.21 16.17 -21.56
N LEU D 93 -10.10 15.39 -22.62
CA LEU D 93 -10.90 14.19 -22.77
C LEU D 93 -9.98 12.99 -23.03
N ASN D 94 -10.09 11.95 -22.20
CA ASN D 94 -9.56 10.63 -22.58
C ASN D 94 -10.66 9.83 -23.30
N VAL D 95 -10.32 9.28 -24.45
CA VAL D 95 -11.19 8.31 -25.12
C VAL D 95 -10.44 7.01 -25.04
N ASP D 96 -11.02 5.99 -24.38
CA ASP D 96 -10.35 4.70 -24.18
C ASP D 96 -11.12 3.64 -24.96
N ILE D 97 -10.39 2.99 -25.86
CA ILE D 97 -10.91 2.05 -26.86
C ILE D 97 -10.33 0.65 -26.58
N THR D 98 -11.17 -0.37 -26.78
CA THR D 98 -10.70 -1.75 -26.90
C THR D 98 -11.57 -2.43 -27.90
N VAL D 99 -10.93 -3.01 -28.91
CA VAL D 99 -11.58 -3.66 -30.05
C VAL D 99 -11.29 -5.15 -29.93
N ILE D 100 -12.31 -6.00 -30.21
CA ILE D 100 -12.08 -7.46 -30.35
C ILE D 100 -12.18 -7.88 -31.81
N LYS D 101 -11.12 -8.42 -32.37
CA LYS D 101 -11.19 -8.86 -33.75
C LYS D 101 -10.86 -10.33 -33.85
N ASP D 102 -11.87 -11.12 -34.22
CA ASP D 102 -11.73 -12.59 -34.28
C ASP D 102 -11.18 -13.11 -32.98
N GLY D 103 -11.59 -12.48 -31.89
CA GLY D 103 -11.27 -12.97 -30.55
C GLY D 103 -10.02 -12.34 -29.94
N TYR D 104 -9.31 -11.48 -30.68
CA TYR D 104 -8.10 -10.85 -30.17
C TYR D 104 -8.31 -9.36 -29.84
N HIS D 105 -7.90 -9.00 -28.63
CA HIS D 105 -8.07 -7.63 -28.08
C HIS D 105 -6.94 -6.64 -28.39
N GLY D 106 -7.29 -5.39 -28.69
CA GLY D 106 -6.34 -4.27 -28.82
C GLY D 106 -6.89 -3.11 -28.01
N ASP D 107 -6.06 -2.64 -27.06
CA ASP D 107 -6.46 -1.70 -26.03
C ASP D 107 -5.55 -0.45 -26.05
N THR D 108 -6.17 0.73 -26.14
CA THR D 108 -5.45 1.98 -26.32
C THR D 108 -6.34 3.17 -26.02
N SER D 109 -5.72 4.24 -25.50
CA SER D 109 -6.41 5.47 -25.20
C SER D 109 -5.49 6.65 -25.46
N LYS D 110 -6.10 7.80 -25.64
CA LYS D 110 -5.35 9.02 -25.82
C LYS D 110 -6.10 10.22 -25.24
N MET D 111 -5.36 11.32 -25.01
CA MET D 111 -5.98 12.58 -24.56
C MET D 111 -6.24 13.46 -25.74
N PHE D 112 -7.41 14.09 -25.70
CA PHE D 112 -7.74 15.15 -26.62
C PHE D 112 -7.92 16.47 -25.87
N LEU D 113 -7.42 17.55 -26.47
CA LEU D 113 -7.58 18.90 -25.95
C LEU D 113 -8.77 19.50 -26.65
N VAL D 114 -9.79 19.91 -25.91
CA VAL D 114 -11.01 20.39 -26.50
C VAL D 114 -10.95 21.92 -26.60
N GLY D 115 -10.76 22.39 -27.84
CA GLY D 115 -10.66 23.82 -28.07
C GLY D 115 -9.50 24.36 -27.28
N LYS D 116 -9.66 25.58 -26.77
CA LYS D 116 -8.56 26.26 -26.10
C LYS D 116 -8.39 25.68 -24.70
N THR D 117 -7.20 25.13 -24.43
CA THR D 117 -6.93 24.52 -23.12
C THR D 117 -5.91 25.28 -22.23
N PRO D 118 -6.18 25.32 -20.92
CA PRO D 118 -5.26 25.90 -19.95
C PRO D 118 -3.87 25.24 -20.03
N GLU D 119 -2.82 25.98 -19.72
CA GLU D 119 -1.51 25.38 -19.87
C GLU D 119 -1.25 24.29 -18.79
N TRP D 120 -1.87 24.34 -17.62
CA TRP D 120 -1.58 23.31 -16.65
C TRP D 120 -2.14 21.94 -17.07
N ALA D 121 -3.23 21.97 -17.82
CA ALA D 121 -3.85 20.81 -18.43
C ALA D 121 -3.00 20.21 -19.49
N ASP D 122 -2.43 21.09 -20.32
CA ASP D 122 -1.53 20.72 -21.42
C ASP D 122 -0.34 20.02 -20.82
N ARG D 123 0.30 20.69 -19.85
CA ARG D 123 1.45 20.09 -19.18
C ARG D 123 1.13 18.70 -18.58
N LEU D 124 -0.01 18.55 -17.89
CA LEU D 124 -0.44 17.25 -17.43
C LEU D 124 -0.46 16.18 -18.52
N CYS D 125 -1.09 16.50 -19.64
CA CYS D 125 -1.29 15.53 -20.74
C CYS D 125 0.06 15.16 -21.33
N GLN D 126 0.95 16.15 -21.45
CA GLN D 126 2.26 15.95 -22.00
C GLN D 126 3.09 15.05 -21.08
N ILE D 127 3.18 15.39 -19.80
CA ILE D 127 3.92 14.50 -18.85
C ILE D 127 3.39 13.05 -18.77
N THR D 128 2.09 12.89 -18.88
CA THR D 128 1.52 11.53 -18.77
C THR D 128 1.89 10.77 -19.98
N GLN D 129 1.94 11.40 -21.16
CA GLN D 129 2.34 10.69 -22.38
C GLN D 129 3.78 10.27 -22.32
N GLU D 130 4.62 11.20 -21.81
CA GLU D 130 6.03 10.89 -21.65
C GLU D 130 6.18 9.76 -20.66
N CYS D 131 5.41 9.77 -19.58
CA CYS D 131 5.50 8.69 -18.61
C CYS D 131 5.25 7.35 -19.31
N MET D 132 4.18 7.30 -20.10
CA MET D 132 3.86 6.11 -20.84
C MET D 132 4.96 5.63 -21.79
N TYR D 133 5.50 6.53 -22.58
CA TYR D 133 6.59 6.25 -23.51
C TYR D 133 7.86 5.76 -22.79
N LYS D 134 8.16 6.36 -21.64
CA LYS D 134 9.28 5.89 -20.82
C LYS D 134 9.07 4.48 -20.32
N GLY D 135 7.88 4.21 -19.86
CA GLY D 135 7.48 2.89 -19.42
C GLY D 135 7.64 1.85 -20.54
N ILE D 136 7.21 2.22 -21.74
CA ILE D 136 7.37 1.37 -22.94
C ILE D 136 8.84 1.17 -23.30
N SER D 137 9.66 2.21 -23.18
CA SER D 137 11.08 2.12 -23.53
C SER D 137 11.93 1.15 -22.69
N VAL D 138 11.50 0.78 -21.50
CA VAL D 138 12.35 -0.15 -20.76
C VAL D 138 11.95 -1.59 -21.03
N VAL D 139 10.93 -1.80 -21.91
CA VAL D 139 10.40 -3.14 -22.12
C VAL D 139 11.32 -3.95 -23.02
N ARG D 140 11.87 -5.05 -22.47
CA ARG D 140 12.62 -6.05 -23.25
C ARG D 140 12.70 -7.36 -22.48
N PRO D 141 13.07 -8.48 -23.15
CA PRO D 141 13.18 -9.72 -22.38
C PRO D 141 14.27 -9.50 -21.30
N GLY D 142 13.98 -9.94 -20.09
CA GLY D 142 14.94 -9.80 -18.99
C GLY D 142 14.73 -8.58 -18.12
N ALA D 143 14.04 -7.56 -18.65
CA ALA D 143 13.48 -6.52 -17.77
C ALA D 143 12.46 -7.14 -16.82
N HIS D 144 12.16 -6.40 -15.78
CA HIS D 144 11.09 -6.77 -14.91
C HIS D 144 10.02 -5.71 -14.96
N LEU D 145 8.86 -6.08 -14.45
CA LEU D 145 7.68 -5.23 -14.47
C LEU D 145 7.85 -3.98 -13.65
N GLY D 146 8.48 -4.08 -12.48
CA GLY D 146 8.72 -2.92 -11.66
C GLY D 146 9.61 -1.88 -12.35
N ASP D 147 10.40 -2.24 -13.38
CA ASP D 147 11.15 -1.20 -14.19
C ASP D 147 10.19 -0.19 -14.87
N ILE D 148 9.07 -0.69 -15.36
CA ILE D 148 8.00 0.13 -15.92
C ILE D 148 7.44 1.06 -14.86
N GLY D 149 7.08 0.49 -13.71
CA GLY D 149 6.52 1.26 -12.63
C GLY D 149 7.43 2.35 -12.11
N GLU D 150 8.73 2.07 -11.97
CA GLU D 150 9.62 3.07 -11.41
C GLU D 150 9.89 4.22 -12.36
N ILE D 151 10.09 3.92 -13.64
CA ILE D 151 10.43 4.98 -14.55
C ILE D 151 9.27 5.95 -14.73
N ILE D 152 8.06 5.40 -14.74
CA ILE D 152 6.85 6.24 -14.81
C ILE D 152 6.70 7.12 -13.57
N GLN D 153 6.78 6.47 -12.41
CA GLN D 153 6.62 7.19 -11.16
C GLN D 153 7.67 8.25 -10.96
N LYS D 154 8.93 7.94 -11.26
CA LYS D 154 9.99 8.96 -11.09
C LYS D 154 9.70 10.16 -12.00
N HIS D 155 9.27 9.91 -13.25
CA HIS D 155 9.04 11.00 -14.18
C HIS D 155 7.87 11.88 -13.76
N ALA D 156 6.77 11.28 -13.32
CA ALA D 156 5.65 12.01 -12.82
C ALA D 156 6.02 12.82 -11.59
N GLU D 157 6.64 12.18 -10.60
CA GLU D 157 6.78 12.82 -9.28
C GLU D 157 7.80 13.99 -9.35
N LYS D 158 8.83 13.77 -10.15
CA LYS D 158 9.85 14.76 -10.37
C LYS D 158 9.27 16.01 -10.99
N ASN D 159 8.18 15.88 -11.77
CA ASN D 159 7.54 17.05 -12.38
C ASN D 159 6.30 17.52 -11.68
N GLY D 160 6.09 17.11 -10.45
CA GLY D 160 5.06 17.65 -9.61
C GLY D 160 3.74 16.91 -9.62
N PHE D 161 3.65 15.77 -10.31
CA PHE D 161 2.38 15.05 -10.39
C PHE D 161 2.40 13.77 -9.58
N SER D 162 1.22 13.19 -9.40
CA SER D 162 1.15 11.98 -8.59
C SER D 162 0.58 10.82 -9.46
N VAL D 163 0.88 9.59 -9.09
CA VAL D 163 0.46 8.39 -9.80
C VAL D 163 -0.75 7.74 -9.10
N VAL D 164 -1.75 7.42 -9.90
CA VAL D 164 -2.89 6.69 -9.43
C VAL D 164 -2.47 5.24 -9.12
N ARG D 165 -2.82 4.77 -7.91
CA ARG D 165 -2.31 3.54 -7.35
C ARG D 165 -3.26 2.35 -7.55
N GLU D 166 -4.57 2.61 -7.51
CA GLU D 166 -5.49 1.46 -7.47
C GLU D 166 -5.96 0.94 -8.86
N TYR D 167 -5.48 1.54 -9.97
CA TYR D 167 -5.79 1.05 -11.32
C TYR D 167 -4.46 0.81 -11.97
N CYS D 168 -4.39 -0.14 -12.92
CA CYS D 168 -3.13 -0.61 -13.44
C CYS D 168 -3.31 -1.17 -14.84
N GLY D 169 -2.22 -1.38 -15.54
CA GLY D 169 -2.27 -2.06 -16.82
C GLY D 169 -2.38 -3.57 -16.59
N HIS D 170 -2.36 -4.33 -17.67
CA HIS D 170 -2.82 -5.72 -17.61
C HIS D 170 -2.38 -6.47 -18.80
N GLY D 171 -2.14 -7.78 -18.60
CA GLY D 171 -1.97 -8.69 -19.72
C GLY D 171 -3.23 -8.59 -20.60
N ILE D 172 -3.08 -8.88 -21.87
CA ILE D 172 -4.21 -8.83 -22.79
C ILE D 172 -3.91 -9.77 -23.91
N GLY D 173 -4.97 -10.33 -24.50
CA GLY D 173 -4.78 -11.24 -25.64
C GLY D 173 -6.13 -11.66 -26.19
N LYS D 174 -6.41 -12.96 -26.08
CA LYS D 174 -7.78 -13.48 -26.35
C LYS D 174 -8.68 -13.19 -25.18
N VAL D 175 -8.11 -12.72 -24.10
CA VAL D 175 -8.95 -12.15 -23.01
C VAL D 175 -8.52 -10.66 -22.80
N PHE D 176 -9.48 -9.88 -22.36
CA PHE D 176 -9.39 -8.45 -22.25
C PHE D 176 -8.41 -8.14 -21.10
N HIS D 177 -8.65 -8.76 -19.94
CA HIS D 177 -7.87 -8.55 -18.73
C HIS D 177 -7.24 -9.86 -18.27
N GLU D 178 -5.90 -9.92 -18.30
CA GLU D 178 -5.19 -11.08 -17.80
C GLU D 178 -3.91 -10.72 -17.06
N GLU D 179 -3.35 -11.74 -16.40
CA GLU D 179 -2.07 -11.58 -15.79
C GLU D 179 -1.02 -11.10 -16.82
N PRO D 180 -0.08 -10.23 -16.38
CA PRO D 180 0.07 -9.66 -15.04
C PRO D 180 -0.62 -8.32 -14.86
N GLN D 181 -0.76 -7.90 -13.59
CA GLN D 181 -1.05 -6.50 -13.25
C GLN D 181 0.18 -5.64 -13.57
N VAL D 182 0.02 -4.55 -14.33
CA VAL D 182 1.13 -3.63 -14.60
C VAL D 182 0.95 -2.38 -13.75
N LEU D 183 1.62 -2.35 -12.61
CA LEU D 183 1.66 -1.13 -11.75
C LEU D 183 2.44 -0.01 -12.46
N HIS D 184 1.94 1.20 -12.33
CA HIS D 184 2.59 2.39 -12.85
C HIS D 184 3.46 3.09 -11.80
N TYR D 185 3.80 2.37 -10.73
CA TYR D 185 4.67 2.86 -9.66
C TYR D 185 5.46 1.66 -9.18
N GLY D 186 6.57 1.86 -8.47
CA GLY D 186 7.34 0.71 -7.97
C GLY D 186 8.81 0.89 -8.10
N ARG D 187 9.54 -0.22 -8.00
CA ARG D 187 10.97 -0.27 -7.86
C ARG D 187 11.41 -1.23 -8.91
N ALA D 188 12.45 -0.85 -9.63
CA ALA D 188 12.92 -1.62 -10.74
C ALA D 188 13.56 -2.90 -10.22
N GLY D 189 13.66 -3.89 -11.11
CA GLY D 189 14.17 -5.20 -10.77
C GLY D 189 13.15 -6.06 -10.05
N THR D 190 12.13 -5.46 -9.48
CA THR D 190 11.05 -6.24 -8.87
C THR D 190 9.99 -6.72 -9.89
N GLY D 191 9.12 -7.63 -9.46
CA GLY D 191 8.06 -8.20 -10.29
C GLY D 191 8.55 -9.25 -11.25
N ILE D 192 7.63 -9.80 -12.04
CA ILE D 192 8.01 -10.89 -12.92
C ILE D 192 8.91 -10.40 -14.04
N GLU D 193 9.57 -11.35 -14.68
CA GLU D 193 10.60 -11.09 -15.65
C GLU D 193 9.98 -11.14 -17.05
N LEU D 194 10.30 -10.15 -17.89
CA LEU D 194 9.62 -10.07 -19.17
C LEU D 194 10.22 -11.08 -20.12
N LYS D 195 9.36 -11.75 -20.87
CA LYS D 195 9.82 -12.67 -21.91
C LYS D 195 9.18 -12.34 -23.25
N GLU D 196 9.91 -12.67 -24.30
CA GLU D 196 9.42 -12.52 -25.65
C GLU D 196 8.04 -13.18 -25.81
N GLY D 197 7.13 -12.48 -26.51
CA GLY D 197 5.77 -12.95 -26.67
C GLY D 197 4.75 -12.63 -25.58
N MET D 198 5.18 -12.07 -24.45
CA MET D 198 4.18 -11.49 -23.53
C MET D 198 3.58 -10.22 -24.16
N ILE D 199 2.31 -9.96 -23.85
CA ILE D 199 1.61 -8.76 -24.32
C ILE D 199 0.78 -8.21 -23.18
N PHE D 200 1.02 -6.94 -22.88
CA PHE D 200 0.27 -6.26 -21.81
C PHE D 200 0.15 -4.77 -22.15
N THR D 201 -0.64 -4.07 -21.32
CA THR D 201 -0.92 -2.69 -21.51
C THR D 201 -0.12 -1.81 -20.52
N ILE D 202 0.26 -0.62 -21.01
CA ILE D 202 0.86 0.40 -20.19
C ILE D 202 -0.11 1.59 -20.32
N GLU D 203 -0.72 1.95 -19.19
CA GLU D 203 -1.85 2.83 -19.15
C GLU D 203 -1.89 3.76 -17.89
N PRO D 204 -0.82 4.53 -17.68
CA PRO D 204 -0.72 5.29 -16.43
C PRO D 204 -1.70 6.42 -16.37
N MET D 205 -2.28 6.58 -15.18
CA MET D 205 -3.17 7.62 -14.85
C MET D 205 -2.42 8.47 -13.87
N ILE D 206 -2.33 9.76 -14.18
CA ILE D 206 -1.45 10.67 -13.50
C ILE D 206 -2.26 11.93 -13.10
N ASN D 207 -2.12 12.35 -11.85
CA ASN D 207 -2.94 13.42 -11.31
C ASN D 207 -2.15 14.67 -11.08
N GLN D 208 -2.89 15.75 -11.22
CA GLN D 208 -2.42 17.10 -11.10
C GLN D 208 -2.04 17.37 -9.63
N GLY D 209 -2.85 16.88 -8.71
CA GLY D 209 -2.60 17.06 -7.28
C GLY D 209 -2.30 15.72 -6.66
N ARG D 210 -3.18 15.27 -5.76
CA ARG D 210 -2.93 14.06 -5.03
C ARG D 210 -3.36 12.78 -5.75
N PRO D 211 -2.79 11.63 -5.36
CA PRO D 211 -3.08 10.37 -6.08
C PRO D 211 -4.45 9.75 -5.82
N GLU D 212 -5.10 10.12 -4.71
CA GLU D 212 -6.33 9.38 -4.27
C GLU D 212 -7.48 9.56 -5.26
N THR D 213 -8.29 8.52 -5.42
CA THR D 213 -9.50 8.55 -6.26
C THR D 213 -10.74 8.12 -5.49
N ARG D 214 -11.92 8.45 -5.99
CA ARG D 214 -13.17 7.89 -5.41
C ARG D 214 -14.07 7.47 -6.55
N LEU D 215 -14.80 6.37 -6.32
CA LEU D 215 -15.72 5.80 -7.28
C LEU D 215 -17.07 6.47 -7.10
N LEU D 216 -17.69 6.99 -8.15
CA LEU D 216 -19.01 7.66 -8.00
C LEU D 216 -20.11 6.60 -7.93
N GLY D 217 -21.36 7.04 -7.70
CA GLY D 217 -22.52 6.13 -7.50
C GLY D 217 -22.72 5.11 -8.63
N ASP D 218 -22.65 5.56 -9.89
CA ASP D 218 -22.79 4.63 -11.03
C ASP D 218 -21.83 3.44 -11.01
N GLY D 219 -20.97 3.36 -9.98
CA GLY D 219 -20.15 2.14 -9.76
C GLY D 219 -18.99 2.00 -10.74
N TRP D 220 -18.86 3.02 -11.60
CA TRP D 220 -17.85 2.99 -12.67
C TRP D 220 -16.89 4.20 -12.67
N THR D 221 -17.46 5.40 -12.58
CA THR D 221 -16.74 6.59 -12.91
C THR D 221 -15.85 6.94 -11.71
N ALA D 222 -14.53 6.82 -11.89
CA ALA D 222 -13.53 7.24 -10.89
C ALA D 222 -13.17 8.71 -11.08
N ILE D 223 -13.20 9.51 -10.00
CA ILE D 223 -12.70 10.90 -9.98
C ILE D 223 -11.49 11.09 -9.00
N THR D 224 -10.74 12.18 -9.21
CA THR D 224 -9.75 12.58 -8.22
C THR D 224 -10.50 12.97 -6.92
N LYS D 225 -9.94 12.58 -5.78
CA LYS D 225 -10.51 12.96 -4.49
C LYS D 225 -10.42 14.47 -4.31
N ASP D 226 -9.30 15.07 -4.74
CA ASP D 226 -9.19 16.52 -4.66
C ASP D 226 -9.85 17.28 -5.83
N ARG D 227 -10.52 16.58 -6.74
CA ARG D 227 -11.19 17.19 -7.90
C ARG D 227 -10.26 17.96 -8.79
N LYS D 228 -8.96 17.68 -8.74
CA LYS D 228 -8.03 18.26 -9.69
C LYS D 228 -8.01 17.40 -10.95
N LEU D 229 -7.28 17.83 -11.95
CA LEU D 229 -7.24 17.13 -13.24
C LEU D 229 -6.52 15.80 -13.17
N SER D 230 -6.88 14.87 -14.07
CA SER D 230 -6.19 13.59 -14.26
C SER D 230 -6.09 13.19 -15.75
N ALA D 231 -4.95 12.67 -16.20
CA ALA D 231 -4.80 12.23 -17.55
C ALA D 231 -4.28 10.84 -17.65
N GLN D 232 -4.54 10.22 -18.79
CA GLN D 232 -4.13 8.83 -19.04
C GLN D 232 -3.80 8.67 -20.52
N TRP D 233 -2.81 7.86 -20.85
CA TRP D 233 -2.60 7.37 -22.23
C TRP D 233 -2.32 5.90 -22.08
N GLU D 234 -2.69 5.14 -23.12
CA GLU D 234 -2.52 3.69 -23.06
C GLU D 234 -2.09 3.15 -24.39
N HIS D 235 -1.16 2.18 -24.33
CA HIS D 235 -0.82 1.38 -25.49
C HIS D 235 -0.81 -0.11 -25.14
N THR D 236 -1.12 -0.94 -26.15
CA THR D 236 -0.87 -2.36 -26.06
C THR D 236 0.56 -2.69 -26.54
N VAL D 237 1.29 -3.44 -25.73
CA VAL D 237 2.69 -3.68 -25.95
C VAL D 237 3.09 -5.16 -25.95
N LEU D 238 3.83 -5.53 -26.98
CA LEU D 238 4.41 -6.87 -27.14
C LEU D 238 5.91 -6.81 -26.80
N VAL D 239 6.35 -7.77 -25.99
CA VAL D 239 7.80 -7.97 -25.83
C VAL D 239 8.35 -8.72 -27.06
N THR D 240 9.30 -8.11 -27.78
CA THR D 240 9.93 -8.79 -28.88
C THR D 240 11.27 -9.39 -28.44
N ALA D 241 12.03 -9.87 -29.43
CA ALA D 241 13.31 -10.51 -29.16
C ALA D 241 14.26 -9.45 -28.65
N ASP D 242 14.35 -8.32 -29.34
CA ASP D 242 15.26 -7.24 -28.92
C ASP D 242 14.66 -6.08 -28.04
N GLY D 243 13.34 -5.99 -27.89
CA GLY D 243 12.74 -4.93 -27.06
C GLY D 243 11.23 -4.96 -27.07
N TYR D 244 10.62 -3.95 -27.71
CA TYR D 244 9.17 -3.75 -27.63
C TYR D 244 8.63 -3.54 -28.99
N GLU D 245 7.36 -3.84 -29.17
CA GLU D 245 6.59 -3.34 -30.33
C GLU D 245 5.24 -2.75 -29.84
N ILE D 246 4.95 -1.52 -30.24
CA ILE D 246 3.71 -0.89 -29.81
C ILE D 246 2.65 -1.29 -30.81
N LEU D 247 1.75 -2.18 -30.40
CA LEU D 247 0.78 -2.71 -31.39
C LEU D 247 -0.32 -1.68 -31.75
N THR D 248 -0.57 -0.74 -30.83
CA THR D 248 -1.58 0.30 -31.00
C THR D 248 -1.06 1.68 -31.43
N LEU D 249 0.13 1.68 -32.04
CA LEU D 249 0.75 2.91 -32.54
C LEU D 249 -0.12 3.52 -33.60
N ARG D 250 -0.26 4.84 -33.54
CA ARG D 250 -1.01 5.61 -34.51
C ARG D 250 -0.08 6.35 -35.44
N ASN D 251 -0.63 6.67 -36.60
CA ASN D 251 -0.01 7.53 -37.59
C ASN D 251 0.46 8.87 -37.06
N ASP D 252 -0.31 9.48 -36.17
CA ASP D 252 0.03 10.79 -35.62
C ASP D 252 1.14 10.78 -34.53
N GLU D 253 1.81 9.64 -34.29
CA GLU D 253 2.78 9.61 -33.21
C GLU D 253 4.12 9.61 -33.84
N THR D 254 5.08 10.21 -33.16
CA THR D 254 6.44 10.27 -33.65
C THR D 254 7.34 9.27 -32.90
N PHE D 255 6.90 8.86 -31.72
CA PHE D 255 7.64 7.89 -30.93
C PHE D 255 7.66 6.57 -31.69
N PRO D 256 8.81 5.88 -31.69
CA PRO D 256 8.96 4.73 -32.59
C PRO D 256 8.23 3.42 -32.19
N ARG D 257 7.71 2.78 -33.25
CA ARG D 257 6.98 1.52 -33.19
C ARG D 257 7.64 0.39 -32.41
N THR D 258 8.95 0.20 -32.66
CA THR D 258 9.80 -0.87 -32.05
C THR D 258 11.19 -0.28 -31.68
N SER D 259 12.03 -1.12 -31.06
CA SER D 259 13.37 -0.72 -30.61
C SER D 259 14.39 -0.54 -31.73
MN MN E . 39.68 2.59 -17.15
MN MN F . 41.27 2.81 -19.97
MN MN G . 21.04 -3.17 -1.85
MN MN H . 44.55 -9.01 -26.06
MN MN I . 6.49 -6.80 18.49
MN MN J . 4.29 -5.74 20.71
MN MN K . 8.94 2.57 30.27
MN MN L . -40.28 -4.23 19.66
MN MN M . -38.70 -5.82 22.15
MN MN N . -27.07 -0.35 26.48
MN MN O . -6.26 -1.46 -20.54
MN MN P . -8.16 0.73 -22.21
MN MN Q . 15.94 -10.94 -13.64
MN MN R . -9.40 13.19 -16.63
#